data_7H73
#
_entry.id   7H73
#
_cell.length_a   87.514
_cell.length_b   87.514
_cell.length_c   85.853
_cell.angle_alpha   90.00
_cell.angle_beta   90.00
_cell.angle_gamma   120.00
#
_symmetry.space_group_name_H-M   'P 31'
#
loop_
_entity.id
_entity.type
_entity.pdbx_description
1 polymer 'Non-structural protein 3'
2 non-polymer 'DIMETHYL SULFOXIDE'
3 non-polymer 2-AMINO-2-HYDROXYMETHYL-PROPANE-1,3-DIOL
4 non-polymer 'CHLORIDE ION'
5 non-polymer 1-[(2R)-8-fluoro-2-methyl-2,3-dihydro-4H-1,4-benzoxazin-4-yl]ethan-1-one
6 water water
#
_entity_poly.entity_id   1
_entity_poly.type   'polypeptide(L)'
_entity_poly.pdbx_seq_one_letter_code
;GAMAPSYRVKRMDIAKNDEECVVNAANPRGLPGDGVCKAVYKKWPESFKNSATPVGTAKTVMCGTYPVIHAVGPNFSNYT
ESEGDRELAAAYREVAKEVTRLGVNSVAIPLLSTGVYSGGKDRLTQSLNHLFTAMDSTDADVVIYCRDKEWEKKISEAIQ
MRT
;
_entity_poly.pdbx_strand_id   A,B,C,D
#
loop_
_chem_comp.id
_chem_comp.type
_chem_comp.name
_chem_comp.formula
CL non-polymer 'CHLORIDE ION' 'Cl -1'
DMS non-polymer 'DIMETHYL SULFOXIDE' 'C2 H6 O S'
Q7X non-polymer 1-[(2R)-8-fluoro-2-methyl-2,3-dihydro-4H-1,4-benzoxazin-4-yl]ethan-1-one 'C11 H12 F N O2'
TRS non-polymer 2-AMINO-2-HYDROXYMETHYL-PROPANE-1,3-DIOL 'C4 H12 N O3 1'
#
# COMPACT_ATOMS: atom_id res chain seq x y z
N GLY A 1 -2.72 -4.27 24.11
CA GLY A 1 -2.59 -2.92 24.77
C GLY A 1 -1.18 -2.39 24.66
N ALA A 2 -0.97 -1.09 24.89
CA ALA A 2 0.38 -0.52 25.04
C ALA A 2 0.97 -0.88 26.39
N MET A 3 2.30 -1.06 26.52
CA MET A 3 2.88 -1.47 27.82
C MET A 3 2.65 -0.40 28.92
N ALA A 4 2.67 0.86 28.54
CA ALA A 4 2.46 1.99 29.47
C ALA A 4 1.65 3.06 28.75
N PRO A 5 0.32 2.83 28.64
CA PRO A 5 -0.50 3.68 27.78
C PRO A 5 -0.29 5.17 28.05
N SER A 6 -0.09 5.98 27.01
CA SER A 6 0.30 7.40 27.10
C SER A 6 -0.60 8.24 26.21
N TYR A 7 -0.59 9.54 26.47
CA TYR A 7 -1.03 10.61 25.56
C TYR A 7 0.15 11.43 25.09
N ARG A 8 0.16 11.77 23.81
CA ARG A 8 1.17 12.67 23.21
C ARG A 8 0.44 13.62 22.27
N VAL A 9 1.10 14.72 21.92
CA VAL A 9 0.56 15.66 20.93
C VAL A 9 1.64 15.98 19.92
N LYS A 10 1.25 16.02 18.64
CA LYS A 10 2.15 16.47 17.54
C LYS A 10 1.47 17.51 16.68
N ARG A 11 2.25 18.47 16.21
CA ARG A 11 1.78 19.53 15.31
C ARG A 11 2.23 19.17 13.90
N MET A 12 1.34 18.55 13.15
CA MET A 12 1.61 18.11 11.76
C MET A 12 0.32 17.51 11.19
N ASP A 13 0.35 17.21 9.91
CA ASP A 13 -0.76 16.58 9.16
C ASP A 13 -0.98 15.14 9.65
N ILE A 14 -2.18 14.85 10.13
CA ILE A 14 -2.56 13.49 10.65
C ILE A 14 -2.48 12.46 9.52
N ALA A 15 -2.52 12.84 8.24
CA ALA A 15 -2.27 11.91 7.11
C ALA A 15 -0.86 11.33 7.14
N LYS A 16 0.10 11.88 7.89
CA LYS A 16 1.49 11.40 8.01
C LYS A 16 1.66 10.68 9.37
N ASN A 17 0.60 10.23 10.05
CA ASN A 17 0.71 9.68 11.42
C ASN A 17 1.55 8.38 11.43
N ASP A 18 2.07 8.05 12.59
CA ASP A 18 2.86 6.83 12.88
C ASP A 18 2.10 5.90 13.84
N GLU A 19 0.77 5.88 13.75
CA GLU A 19 -0.08 5.05 14.62
C GLU A 19 -0.76 3.91 13.84
N GLU A 20 -1.39 3.00 14.56
CA GLU A 20 -1.98 1.78 13.93
C GLU A 20 -3.34 2.06 13.29
N CYS A 21 -3.98 3.18 13.60
CA CYS A 21 -5.25 3.58 12.98
C CYS A 21 -5.41 5.09 13.14
N VAL A 22 -6.35 5.64 12.38
CA VAL A 22 -6.61 7.09 12.38
C VAL A 22 -8.06 7.34 12.65
N VAL A 23 -8.36 8.45 13.30
CA VAL A 23 -9.73 8.99 13.46
C VAL A 23 -9.87 10.15 12.51
N ASN A 24 -10.87 10.06 11.64
CA ASN A 24 -11.23 11.18 10.73
C ASN A 24 -12.27 12.06 11.42
N ALA A 25 -12.08 13.36 11.37
CA ALA A 25 -13.11 14.37 11.74
C ALA A 25 -14.10 14.48 10.56
N ALA A 26 -14.99 13.52 10.46
CA ALA A 26 -15.84 13.28 9.29
C ALA A 26 -17.09 14.19 9.29
N ASN A 27 -17.68 14.28 8.11
CA ASN A 27 -19.05 14.85 7.99
C ASN A 27 -20.03 13.69 7.98
N PRO A 28 -21.33 13.92 8.24
CA PRO A 28 -22.29 12.82 8.29
C PRO A 28 -22.56 12.08 6.96
N ARG A 29 -22.18 12.70 5.86
CA ARG A 29 -22.53 12.20 4.50
C ARG A 29 -21.39 11.47 3.85
N GLY A 30 -20.26 11.26 4.53
CA GLY A 30 -19.12 10.58 3.91
C GLY A 30 -18.55 11.33 2.75
N LEU A 31 -18.67 12.66 2.72
CA LEU A 31 -18.10 13.50 1.62
C LEU A 31 -16.65 13.84 1.89
N PRO A 32 -15.84 14.15 0.86
CA PRO A 32 -14.44 14.57 1.07
C PRO A 32 -14.25 15.71 2.04
N GLY A 33 -15.13 16.69 2.05
CA GLY A 33 -15.09 17.70 3.12
C GLY A 33 -13.92 18.66 2.99
N ASP A 34 -13.51 19.28 4.09
CA ASP A 34 -12.37 20.23 4.16
C ASP A 34 -11.49 19.89 5.36
N GLY A 35 -10.35 20.56 5.48
CA GLY A 35 -9.42 20.39 6.63
C GLY A 35 -8.95 18.95 6.82
N VAL A 36 -8.97 18.43 8.06
CA VAL A 36 -8.56 17.03 8.38
C VAL A 36 -9.29 16.06 7.44
N CYS A 37 -10.59 16.24 7.22
CA CYS A 37 -11.40 15.30 6.38
C CYS A 37 -10.84 15.24 4.96
N LYS A 38 -10.48 16.39 4.38
CA LYS A 38 -9.93 16.37 3.00
C LYS A 38 -8.53 15.71 2.96
N ALA A 39 -7.72 15.89 4.00
CA ALA A 39 -6.38 15.25 4.05
C ALA A 39 -6.58 13.74 4.10
N VAL A 40 -7.53 13.30 4.91
CA VAL A 40 -7.86 11.87 5.10
C VAL A 40 -8.38 11.33 3.76
N TYR A 41 -9.23 12.09 3.05
CA TYR A 41 -9.75 11.64 1.74
C TYR A 41 -8.60 11.43 0.74
N LYS A 42 -7.64 12.33 0.72
CA LYS A 42 -6.49 12.22 -0.22
C LYS A 42 -5.61 11.00 0.11
N LYS A 43 -5.43 10.70 1.39
CA LYS A 43 -4.52 9.61 1.82
C LYS A 43 -5.19 8.24 1.77
N TRP A 44 -6.46 8.15 2.13
CA TRP A 44 -7.21 6.89 2.32
C TRP A 44 -8.56 6.97 1.62
N PRO A 45 -8.64 7.30 0.31
CA PRO A 45 -9.95 7.49 -0.30
C PRO A 45 -10.84 6.24 -0.29
N GLU A 46 -10.25 5.06 -0.30
CA GLU A 46 -10.99 3.77 -0.26
C GLU A 46 -11.82 3.69 1.03
N SER A 47 -11.39 4.38 2.11
CA SER A 47 -12.09 4.31 3.40
C SER A 47 -13.40 5.10 3.38
N PHE A 48 -13.75 5.77 2.27
CA PHE A 48 -15.01 6.56 2.24
C PHE A 48 -16.13 5.74 1.55
N LYS A 49 -15.89 4.47 1.27
CA LYS A 49 -17.00 3.56 0.81
C LYS A 49 -17.98 3.32 1.95
N ASN A 50 -19.21 3.83 1.84
CA ASN A 50 -20.26 3.62 2.88
C ASN A 50 -19.76 4.07 4.28
N SER A 51 -19.12 5.25 4.29
CA SER A 51 -18.66 5.86 5.57
C SER A 51 -19.71 6.84 6.16
N ALA A 52 -20.76 7.20 5.48
CA ALA A 52 -21.82 8.08 6.04
C ALA A 52 -22.39 7.49 7.33
N THR A 53 -22.58 8.33 8.35
CA THR A 53 -23.03 7.92 9.70
C THR A 53 -23.56 9.18 10.39
N PRO A 54 -24.49 9.04 11.34
CA PRO A 54 -25.07 10.24 11.95
C PRO A 54 -24.13 10.98 12.89
N VAL A 55 -24.52 12.20 13.23
CA VAL A 55 -23.81 12.99 14.26
C VAL A 55 -23.77 12.19 15.55
N GLY A 56 -22.62 12.27 16.25
CA GLY A 56 -22.48 11.63 17.56
C GLY A 56 -22.04 10.16 17.46
N THR A 57 -21.78 9.66 16.26
CA THR A 57 -21.38 8.26 15.99
C THR A 57 -20.03 8.17 15.31
N ALA A 58 -19.48 6.95 15.31
CA ALA A 58 -18.27 6.62 14.58
C ALA A 58 -18.50 5.36 13.77
N LYS A 59 -17.92 5.32 12.61
CA LYS A 59 -18.06 4.18 11.68
C LYS A 59 -16.67 3.90 11.11
N THR A 60 -16.16 2.67 11.28
CA THR A 60 -14.82 2.30 10.80
C THR A 60 -14.91 1.66 9.41
N VAL A 61 -14.07 2.09 8.50
CA VAL A 61 -13.89 1.48 7.15
C VAL A 61 -12.41 1.26 6.94
N MET A 62 -12.04 0.06 6.50
N MET A 62 -12.05 0.06 6.50
CA MET A 62 -10.63 -0.35 6.26
CA MET A 62 -10.66 -0.31 6.21
C MET A 62 -10.16 0.20 4.91
C MET A 62 -10.21 0.38 4.90
N CYS A 63 -8.95 0.78 4.87
CA CYS A 63 -8.20 1.11 3.64
C CYS A 63 -7.08 0.08 3.57
N GLY A 64 -7.27 -0.98 2.75
CA GLY A 64 -6.40 -2.15 2.89
C GLY A 64 -6.63 -2.83 4.21
N THR A 65 -5.65 -2.88 5.11
CA THR A 65 -5.82 -3.36 6.48
C THR A 65 -5.76 -2.20 7.49
N TYR A 66 -5.62 -0.97 7.01
CA TYR A 66 -5.42 0.22 7.90
C TYR A 66 -6.79 0.81 8.26
N PRO A 67 -7.20 0.80 9.56
CA PRO A 67 -8.56 1.25 9.93
C PRO A 67 -8.69 2.79 10.00
N VAL A 68 -9.72 3.30 9.32
CA VAL A 68 -10.09 4.73 9.38
C VAL A 68 -11.41 4.81 10.13
N ILE A 69 -11.39 5.43 11.31
CA ILE A 69 -12.58 5.53 12.19
C ILE A 69 -13.19 6.92 11.88
N HIS A 70 -14.29 6.95 11.14
CA HIS A 70 -14.97 8.22 10.80
C HIS A 70 -15.85 8.66 11.95
N ALA A 71 -15.45 9.69 12.68
CA ALA A 71 -16.16 10.19 13.87
C ALA A 71 -16.81 11.55 13.53
N VAL A 72 -18.12 11.60 13.70
CA VAL A 72 -18.90 12.80 13.30
C VAL A 72 -19.27 13.65 14.51
N GLY A 73 -18.50 14.70 14.73
CA GLY A 73 -18.79 15.71 15.73
C GLY A 73 -19.89 16.63 15.23
N PRO A 74 -20.60 17.28 16.14
CA PRO A 74 -21.66 18.24 15.77
C PRO A 74 -21.08 19.53 15.20
N ASN A 75 -21.85 20.14 14.29
CA ASN A 75 -21.52 21.49 13.78
C ASN A 75 -22.21 22.50 14.71
N PHE A 76 -21.46 23.22 15.54
CA PHE A 76 -21.98 24.15 16.57
C PHE A 76 -22.70 25.33 15.88
N SER A 77 -22.61 25.45 14.56
CA SER A 77 -23.48 26.46 13.87
C SER A 77 -24.95 26.04 13.96
N ASN A 78 -25.23 24.74 14.02
CA ASN A 78 -26.61 24.19 13.92
C ASN A 78 -27.19 23.70 15.23
N TYR A 79 -26.33 23.19 16.12
CA TYR A 79 -26.70 22.66 17.45
C TYR A 79 -26.64 23.80 18.49
N THR A 80 -27.52 23.72 19.49
CA THR A 80 -27.41 24.54 20.71
C THR A 80 -26.12 24.14 21.43
N GLU A 81 -25.57 25.02 22.27
CA GLU A 81 -24.38 24.63 23.10
C GLU A 81 -24.66 23.33 23.87
N SER A 82 -25.82 23.18 24.50
CA SER A 82 -26.19 22.01 25.30
C SER A 82 -26.20 20.74 24.42
N GLU A 83 -26.92 20.77 23.30
CA GLU A 83 -27.10 19.56 22.49
C GLU A 83 -25.76 19.23 21.79
N GLY A 84 -25.05 20.25 21.35
CA GLY A 84 -23.74 20.02 20.71
C GLY A 84 -22.79 19.41 21.70
N ASP A 85 -22.75 19.92 22.91
CA ASP A 85 -21.85 19.33 23.94
C ASP A 85 -22.18 17.85 24.10
N ARG A 86 -23.45 17.43 24.17
CA ARG A 86 -23.84 16.02 24.34
C ARG A 86 -23.37 15.18 23.13
N GLU A 87 -23.54 15.69 21.92
CA GLU A 87 -23.17 14.91 20.71
C GLU A 87 -21.65 14.82 20.60
N LEU A 88 -20.90 15.84 21.02
CA LEU A 88 -19.42 15.83 20.90
C LEU A 88 -18.89 14.78 21.90
N ALA A 89 -19.40 14.75 23.12
CA ALA A 89 -19.06 13.70 24.10
C ALA A 89 -19.39 12.31 23.53
N ALA A 90 -20.55 12.15 22.89
CA ALA A 90 -20.99 10.85 22.37
C ALA A 90 -20.06 10.39 21.22
N ALA A 91 -19.66 11.27 20.31
CA ALA A 91 -18.77 10.86 19.21
C ALA A 91 -17.49 10.27 19.80
N TYR A 92 -16.90 10.91 20.81
CA TYR A 92 -15.65 10.37 21.38
C TYR A 92 -15.92 9.04 22.09
N ARG A 93 -17.05 8.85 22.78
CA ARG A 93 -17.33 7.51 23.39
C ARG A 93 -17.36 6.45 22.29
N GLU A 94 -17.97 6.74 21.12
CA GLU A 94 -18.02 5.73 20.02
C GLU A 94 -16.61 5.52 19.49
N VAL A 95 -15.73 6.52 19.43
CA VAL A 95 -14.33 6.29 19.04
C VAL A 95 -13.68 5.29 20.01
N ALA A 96 -13.86 5.47 21.30
CA ALA A 96 -13.23 4.56 22.28
C ALA A 96 -13.71 3.12 22.08
N LYS A 97 -14.98 2.90 21.79
CA LYS A 97 -15.54 1.55 21.49
C LYS A 97 -14.83 0.96 20.26
N GLU A 98 -14.69 1.74 19.19
CA GLU A 98 -14.05 1.25 17.96
C GLU A 98 -12.58 0.92 18.19
N VAL A 99 -11.82 1.80 18.83
CA VAL A 99 -10.39 1.58 19.13
C VAL A 99 -10.28 0.25 19.89
N THR A 100 -11.15 0.04 20.87
CA THR A 100 -11.12 -1.20 21.70
C THR A 100 -11.39 -2.42 20.83
N ARG A 101 -12.45 -2.36 20.04
CA ARG A 101 -12.90 -3.47 19.16
C ARG A 101 -11.79 -3.87 18.18
N LEU A 102 -11.05 -2.91 17.65
CA LEU A 102 -10.03 -3.13 16.61
C LEU A 102 -8.78 -3.81 17.22
N GLY A 103 -8.56 -3.68 18.52
CA GLY A 103 -7.39 -4.27 19.21
C GLY A 103 -6.09 -3.58 18.88
N VAL A 104 -6.14 -2.34 18.38
CA VAL A 104 -4.91 -1.57 18.06
C VAL A 104 -4.16 -1.19 19.34
N ASN A 105 -2.87 -0.99 19.21
CA ASN A 105 -2.05 -0.52 20.33
C ASN A 105 -1.85 0.99 20.29
N SER A 106 -2.27 1.68 19.21
CA SER A 106 -2.06 3.15 19.08
C SER A 106 -3.12 3.71 18.13
N VAL A 107 -3.45 5.00 18.29
CA VAL A 107 -4.48 5.69 17.47
C VAL A 107 -4.08 7.15 17.34
N ALA A 108 -4.22 7.69 16.12
CA ALA A 108 -4.03 9.11 15.80
C ALA A 108 -5.42 9.77 15.83
N ILE A 109 -5.56 10.88 16.55
N ILE A 109 -5.59 10.83 16.63
CA ILE A 109 -6.89 11.50 16.75
CA ILE A 109 -6.89 11.52 16.86
C ILE A 109 -6.79 13.03 16.70
C ILE A 109 -6.73 13.03 16.63
N PRO A 110 -7.67 13.67 15.92
CA PRO A 110 -7.78 15.12 15.89
C PRO A 110 -8.80 15.58 16.94
N LEU A 111 -8.81 16.90 17.25
CA LEU A 111 -9.84 17.42 18.18
C LEU A 111 -11.13 17.72 17.39
N LEU A 112 -12.13 16.91 17.61
CA LEU A 112 -13.44 17.02 16.93
C LEU A 112 -14.10 18.38 17.24
N SER A 113 -14.80 18.91 16.22
CA SER A 113 -15.62 20.15 16.30
C SER A 113 -14.78 21.37 16.68
N THR A 114 -13.47 21.42 16.41
CA THR A 114 -12.61 22.59 16.72
C THR A 114 -12.32 23.48 15.52
N GLY A 115 -12.65 23.03 14.32
CA GLY A 115 -12.36 23.77 13.06
C GLY A 115 -13.64 24.38 12.49
N VAL A 116 -14.01 24.02 11.27
CA VAL A 116 -15.23 24.62 10.63
C VAL A 116 -16.54 24.21 11.34
N TYR A 117 -16.56 23.23 12.26
CA TYR A 117 -17.74 22.87 13.06
C TYR A 117 -17.77 23.56 14.45
N SER A 118 -16.84 24.49 14.73
CA SER A 118 -16.69 25.13 16.07
C SER A 118 -17.76 26.23 16.29
N GLY A 119 -18.46 26.63 15.22
CA GLY A 119 -19.36 27.79 15.31
C GLY A 119 -18.59 29.05 15.70
N GLY A 120 -17.31 29.14 15.32
CA GLY A 120 -16.45 30.32 15.49
C GLY A 120 -15.93 30.50 16.92
N LYS A 121 -16.03 29.47 17.79
CA LYS A 121 -15.59 29.53 19.19
C LYS A 121 -14.37 28.63 19.37
N ASP A 122 -13.51 29.02 20.31
CA ASP A 122 -12.35 28.22 20.77
C ASP A 122 -12.89 27.09 21.62
N ARG A 123 -12.81 25.84 21.13
CA ARG A 123 -13.32 24.65 21.84
C ARG A 123 -12.18 23.67 22.15
N LEU A 124 -10.94 24.12 22.23
CA LEU A 124 -9.78 23.23 22.57
C LEU A 124 -10.12 22.48 23.86
N THR A 125 -10.34 23.16 24.97
CA THR A 125 -10.54 22.53 26.28
C THR A 125 -11.77 21.62 26.28
N GLN A 126 -12.88 22.08 25.69
CA GLN A 126 -14.15 21.30 25.67
C GLN A 126 -13.90 19.98 24.92
N SER A 127 -13.28 20.08 23.76
CA SER A 127 -13.10 18.89 22.89
C SER A 127 -12.06 17.97 23.51
N LEU A 128 -10.94 18.52 23.98
CA LEU A 128 -9.87 17.68 24.62
C LEU A 128 -10.40 16.99 25.88
N ASN A 129 -11.20 17.66 26.72
CA ASN A 129 -11.72 17.01 27.94
C ASN A 129 -12.67 15.87 27.55
N HIS A 130 -13.49 16.02 26.49
CA HIS A 130 -14.36 14.89 26.07
C HIS A 130 -13.51 13.75 25.49
N LEU A 131 -12.43 14.06 24.85
CA LEU A 131 -11.45 13.04 24.35
C LEU A 131 -10.93 12.25 25.56
N PHE A 132 -10.46 12.95 26.57
CA PHE A 132 -9.90 12.27 27.76
C PHE A 132 -10.98 11.42 28.42
N THR A 133 -12.19 11.95 28.60
CA THR A 133 -13.26 11.19 29.27
C THR A 133 -13.48 9.83 28.60
N ALA A 134 -13.48 9.81 27.26
CA ALA A 134 -13.69 8.57 26.49
C ALA A 134 -12.46 7.68 26.51
N MET A 135 -11.27 8.23 26.29
CA MET A 135 -10.06 7.44 25.97
C MET A 135 -9.36 6.97 27.26
N ASP A 136 -9.63 7.57 28.40
CA ASP A 136 -8.81 7.25 29.61
C ASP A 136 -8.96 5.79 30.00
N SER A 137 -10.08 5.14 29.73
CA SER A 137 -10.29 3.71 30.11
C SER A 137 -9.74 2.78 29.04
N THR A 138 -9.24 3.29 27.92
CA THR A 138 -8.58 2.45 26.87
C THR A 138 -7.09 2.33 27.16
N ASP A 139 -6.47 1.27 26.62
CA ASP A 139 -5.01 1.06 26.82
C ASP A 139 -4.23 1.29 25.54
N ALA A 140 -4.82 1.94 24.53
CA ALA A 140 -4.04 2.37 23.35
C ALA A 140 -3.15 3.59 23.64
N ASP A 141 -1.98 3.68 23.04
CA ASP A 141 -1.23 4.96 22.97
C ASP A 141 -2.04 5.93 22.10
N VAL A 142 -2.36 7.10 22.63
CA VAL A 142 -3.16 8.11 21.89
C VAL A 142 -2.20 9.22 21.46
N VAL A 143 -2.21 9.57 20.19
CA VAL A 143 -1.41 10.71 19.67
C VAL A 143 -2.39 11.70 19.06
N ILE A 144 -2.47 12.87 19.67
CA ILE A 144 -3.40 13.96 19.25
C ILE A 144 -2.66 14.80 18.22
N TYR A 145 -3.32 15.09 17.11
CA TYR A 145 -2.75 15.93 16.01
C TYR A 145 -3.42 17.28 15.98
N CYS A 146 -2.61 18.32 15.80
CA CYS A 146 -3.10 19.71 15.71
C CYS A 146 -2.24 20.45 14.70
N ARG A 147 -2.65 21.65 14.29
CA ARG A 147 -1.89 22.44 13.29
C ARG A 147 -1.34 23.77 13.84
N ASP A 148 -1.94 24.28 14.93
CA ASP A 148 -1.60 25.62 15.49
C ASP A 148 -0.54 25.50 16.59
N LYS A 149 0.48 26.36 16.57
CA LYS A 149 1.59 26.34 17.54
C LYS A 149 1.12 26.58 18.98
N GLU A 150 0.19 27.52 19.19
CA GLU A 150 -0.32 27.81 20.56
C GLU A 150 -1.19 26.65 21.07
N TRP A 151 -1.99 26.06 20.19
CA TRP A 151 -2.79 24.85 20.57
C TRP A 151 -1.87 23.71 20.97
N GLU A 152 -0.76 23.50 20.26
CA GLU A 152 0.19 22.42 20.63
C GLU A 152 0.60 22.61 22.09
N LYS A 153 1.00 23.84 22.45
CA LYS A 153 1.50 24.14 23.80
C LYS A 153 0.37 23.86 24.80
N LYS A 154 -0.86 24.33 24.54
CA LYS A 154 -1.98 24.15 25.48
C LYS A 154 -2.37 22.68 25.64
N ILE A 155 -2.38 21.91 24.55
CA ILE A 155 -2.69 20.46 24.61
C ILE A 155 -1.59 19.75 25.41
N SER A 156 -0.32 20.09 25.14
CA SER A 156 0.84 19.49 25.84
C SER A 156 0.77 19.79 27.33
N GLU A 157 0.42 21.03 27.68
CA GLU A 157 0.27 21.43 29.10
C GLU A 157 -0.82 20.60 29.77
N ALA A 158 -1.97 20.43 29.12
CA ALA A 158 -3.11 19.70 29.68
C ALA A 158 -2.73 18.24 29.90
N ILE A 159 -1.98 17.65 28.96
CA ILE A 159 -1.53 16.25 29.11
C ILE A 159 -0.61 16.17 30.35
N GLN A 160 0.39 17.04 30.41
CA GLN A 160 1.46 16.98 31.46
C GLN A 160 0.84 17.25 32.84
N MET A 161 -0.20 18.12 32.94
CA MET A 161 -0.88 18.49 34.22
C MET A 161 -1.33 17.23 34.95
N ARG A 162 -1.80 16.21 34.22
CA ARG A 162 -2.42 14.98 34.81
C ARG A 162 -1.37 13.91 35.19
N THR A 163 -0.12 14.04 34.75
CA THR A 163 0.96 13.03 34.94
C THR A 163 1.79 13.34 36.19
N GLY B 1 30.00 1.11 17.38
CA GLY B 1 30.60 1.09 16.00
C GLY B 1 30.15 -0.11 15.19
N ALA B 2 30.31 -0.05 13.87
CA ALA B 2 30.02 -1.18 12.96
C ALA B 2 31.22 -2.12 13.09
N MET B 3 31.05 -3.44 13.00
CA MET B 3 32.21 -4.32 13.35
C MET B 3 33.31 -4.15 12.31
N ALA B 4 32.94 -3.77 11.09
CA ALA B 4 33.90 -3.41 10.02
C ALA B 4 33.36 -2.16 9.33
N PRO B 5 33.61 -0.97 9.90
CA PRO B 5 33.05 0.27 9.36
C PRO B 5 33.24 0.36 7.84
N SER B 6 32.19 0.68 7.11
CA SER B 6 32.14 0.73 5.63
C SER B 6 31.49 2.04 5.14
N TYR B 7 31.69 2.26 3.86
CA TYR B 7 30.93 3.17 2.99
C TYR B 7 30.18 2.35 1.92
N ARG B 8 28.92 2.70 1.68
CA ARG B 8 28.05 2.07 0.64
C ARG B 8 27.28 3.19 -0.06
N VAL B 9 26.87 2.99 -1.31
CA VAL B 9 25.98 3.98 -2.00
C VAL B 9 24.67 3.29 -2.40
N LYS B 10 23.56 4.00 -2.29
CA LYS B 10 22.24 3.50 -2.69
C LYS B 10 21.60 4.58 -3.54
N ARG B 11 21.09 4.21 -4.71
CA ARG B 11 20.36 5.12 -5.62
C ARG B 11 18.86 5.02 -5.36
N MET B 12 18.32 5.83 -4.46
CA MET B 12 16.91 5.78 -3.99
C MET B 12 16.69 6.98 -3.09
N ASP B 13 15.43 7.17 -2.74
CA ASP B 13 14.90 8.23 -1.84
C ASP B 13 15.38 7.96 -0.41
N ILE B 14 16.16 8.88 0.13
CA ILE B 14 16.78 8.74 1.46
C ILE B 14 15.71 8.68 2.55
N ALA B 15 14.47 9.09 2.26
CA ALA B 15 13.37 8.90 3.25
C ALA B 15 13.04 7.39 3.48
N LYS B 16 13.44 6.49 2.60
CA LYS B 16 13.23 5.02 2.73
C LYS B 16 14.47 4.33 3.28
N ASN B 17 15.43 5.07 3.86
CA ASN B 17 16.69 4.47 4.36
C ASN B 17 16.39 3.42 5.44
N ASP B 18 17.29 2.44 5.55
CA ASP B 18 17.27 1.42 6.65
C ASP B 18 18.39 1.68 7.65
N GLU B 19 18.90 2.92 7.78
CA GLU B 19 19.95 3.23 8.76
C GLU B 19 19.38 3.79 10.05
N GLU B 20 20.22 3.94 11.05
CA GLU B 20 19.85 4.32 12.44
C GLU B 20 19.61 5.83 12.57
N CYS B 21 19.91 6.63 11.53
CA CYS B 21 19.65 8.08 11.54
C CYS B 21 19.84 8.57 10.11
N VAL B 22 19.32 9.80 9.88
CA VAL B 22 19.34 10.41 8.54
C VAL B 22 19.93 11.82 8.68
N VAL B 23 20.70 12.19 7.66
CA VAL B 23 21.15 13.59 7.45
C VAL B 23 20.24 14.24 6.39
N ASN B 24 19.60 15.31 6.80
CA ASN B 24 18.80 16.16 5.89
C ASN B 24 19.76 17.18 5.24
N ALA B 25 19.60 17.39 3.95
CA ALA B 25 20.25 18.52 3.24
C ALA B 25 19.36 19.73 3.44
N ALA B 26 19.49 20.36 4.60
CA ALA B 26 18.58 21.38 5.16
C ALA B 26 18.86 22.77 4.58
N ASN B 27 17.87 23.65 4.70
CA ASN B 27 18.09 25.09 4.52
C ASN B 27 18.28 25.71 5.89
N PRO B 28 18.77 26.94 6.02
CA PRO B 28 19.03 27.51 7.35
C PRO B 28 17.79 27.80 8.19
N ARG B 29 16.60 27.86 7.57
CA ARG B 29 15.40 28.37 8.27
C ARG B 29 14.48 27.25 8.67
N GLY B 30 14.85 26.00 8.40
CA GLY B 30 14.01 24.83 8.73
C GLY B 30 12.71 24.82 7.97
N LEU B 31 12.77 25.25 6.72
CA LEU B 31 11.61 25.26 5.81
C LEU B 31 11.62 23.97 5.03
N PRO B 32 10.47 23.55 4.42
CA PRO B 32 10.43 22.32 3.62
C PRO B 32 11.34 22.10 2.39
N GLY B 33 11.64 23.11 1.59
CA GLY B 33 12.73 23.00 0.59
C GLY B 33 12.48 22.11 -0.63
N ASP B 34 13.55 21.66 -1.29
CA ASP B 34 13.53 20.87 -2.54
C ASP B 34 14.36 19.59 -2.36
N GLY B 35 14.27 18.67 -3.32
CA GLY B 35 15.08 17.44 -3.37
C GLY B 35 14.97 16.64 -2.08
N VAL B 36 16.11 16.26 -1.50
CA VAL B 36 16.18 15.48 -0.24
C VAL B 36 15.37 16.15 0.87
N CYS B 37 15.40 17.47 1.00
CA CYS B 37 14.73 18.19 2.10
C CYS B 37 13.22 17.96 2.01
N LYS B 38 12.69 18.01 0.78
CA LYS B 38 11.23 17.82 0.54
C LYS B 38 10.83 16.40 0.96
N ALA B 39 11.66 15.42 0.60
CA ALA B 39 11.45 14.00 0.96
C ALA B 39 11.47 13.81 2.48
N VAL B 40 12.43 14.44 3.18
CA VAL B 40 12.53 14.38 4.65
C VAL B 40 11.33 15.05 5.31
N TYR B 41 10.87 16.19 4.80
CA TYR B 41 9.70 16.91 5.36
C TYR B 41 8.43 16.06 5.22
N LYS B 42 8.34 15.29 4.14
CA LYS B 42 7.15 14.46 3.84
C LYS B 42 6.98 13.41 4.95
N LYS B 43 8.08 12.86 5.47
CA LYS B 43 8.04 11.76 6.48
C LYS B 43 8.21 12.27 7.92
N TRP B 44 9.14 13.22 8.16
CA TRP B 44 9.47 13.70 9.51
C TRP B 44 9.24 15.19 9.61
N PRO B 45 8.03 15.73 9.33
CA PRO B 45 7.84 17.16 9.45
C PRO B 45 8.04 17.70 10.85
N GLU B 46 7.70 16.90 11.90
CA GLU B 46 7.90 17.34 13.31
C GLU B 46 9.40 17.42 13.63
N SER B 47 10.25 16.85 12.79
CA SER B 47 11.72 17.04 12.92
C SER B 47 12.13 18.45 12.53
N PHE B 48 11.24 19.28 11.94
CA PHE B 48 11.56 20.67 11.58
C PHE B 48 11.19 21.65 12.69
N LYS B 49 10.70 21.14 13.83
CA LYS B 49 10.41 21.97 14.99
C LYS B 49 11.72 22.57 15.48
N ASN B 50 11.88 23.87 15.34
CA ASN B 50 13.07 24.61 15.85
C ASN B 50 14.35 24.00 15.25
N SER B 51 14.31 23.64 13.99
CA SER B 51 15.51 23.06 13.30
C SER B 51 16.35 24.15 12.60
N ALA B 52 15.94 25.40 12.59
CA ALA B 52 16.72 26.48 11.91
C ALA B 52 18.13 26.53 12.51
N THR B 53 19.16 26.68 11.69
CA THR B 53 20.57 26.64 12.15
C THR B 53 21.39 27.30 11.06
N PRO B 54 22.56 27.91 11.35
CA PRO B 54 23.32 28.62 10.33
C PRO B 54 23.99 27.71 9.29
N VAL B 55 24.38 28.32 8.18
CA VAL B 55 25.19 27.64 7.15
C VAL B 55 26.45 27.10 7.81
N GLY B 56 26.85 25.87 7.45
CA GLY B 56 28.08 25.26 7.97
C GLY B 56 27.86 24.55 9.29
N THR B 57 26.63 24.38 9.73
CA THR B 57 26.30 23.70 11.00
C THR B 57 25.30 22.57 10.79
N ALA B 58 25.18 21.75 11.81
CA ALA B 58 24.18 20.66 11.88
C ALA B 58 23.42 20.78 13.20
N LYS B 59 22.10 20.54 13.14
CA LYS B 59 21.20 20.59 14.33
C LYS B 59 20.29 19.35 14.32
N THR B 60 20.37 18.51 15.36
CA THR B 60 19.62 17.21 15.42
C THR B 60 18.30 17.39 16.15
N VAL B 61 17.24 16.89 15.53
CA VAL B 61 15.89 16.85 16.16
C VAL B 61 15.47 15.38 16.17
N MET B 62 15.12 14.91 17.38
CA MET B 62 14.68 13.54 17.64
C MET B 62 13.20 13.44 17.30
N CYS B 63 12.86 12.46 16.48
CA CYS B 63 11.49 11.97 16.26
C CYS B 63 11.35 10.65 17.00
N GLY B 64 10.96 10.69 18.27
CA GLY B 64 10.99 9.47 19.08
C GLY B 64 12.43 9.07 19.27
N THR B 65 12.81 7.89 18.80
CA THR B 65 14.19 7.36 18.95
C THR B 65 15.01 7.66 17.69
N TYR B 66 14.38 8.20 16.63
CA TYR B 66 15.02 8.34 15.29
C TYR B 66 15.60 9.76 15.15
N PRO B 67 16.95 9.91 15.10
CA PRO B 67 17.57 11.22 14.90
C PRO B 67 17.61 11.69 13.43
N VAL B 68 17.13 12.95 13.26
CA VAL B 68 17.21 13.70 11.99
C VAL B 68 18.24 14.80 12.17
N ILE B 69 19.36 14.64 11.47
CA ILE B 69 20.49 15.61 11.57
C ILE B 69 20.39 16.63 10.40
N HIS B 70 19.92 17.83 10.73
CA HIS B 70 19.76 18.89 9.69
C HIS B 70 21.12 19.53 9.43
N ALA B 71 21.68 19.26 8.26
CA ALA B 71 23.03 19.76 7.89
C ALA B 71 22.87 20.84 6.81
N VAL B 72 23.32 22.05 7.11
CA VAL B 72 23.13 23.21 6.19
C VAL B 72 24.40 23.47 5.36
N GLY B 73 24.42 22.98 4.12
CA GLY B 73 25.48 23.33 3.16
C GLY B 73 25.22 24.71 2.56
N PRO B 74 26.27 25.35 2.05
CA PRO B 74 26.12 26.68 1.43
C PRO B 74 25.41 26.59 0.08
N ASN B 75 24.67 27.67 -0.21
CA ASN B 75 24.14 27.90 -1.58
C ASN B 75 25.21 28.64 -2.42
N PHE B 76 25.83 27.93 -3.35
CA PHE B 76 26.89 28.49 -4.23
C PHE B 76 26.31 29.56 -5.18
N SER B 77 25.00 29.79 -5.24
CA SER B 77 24.49 31.01 -5.92
C SER B 77 24.87 32.25 -5.10
N ASN B 78 25.08 32.14 -3.79
CA ASN B 78 25.28 33.25 -2.84
C ASN B 78 26.71 33.37 -2.30
N TYR B 79 27.36 32.23 -2.08
CA TYR B 79 28.75 32.12 -1.57
C TYR B 79 29.73 32.11 -2.75
N THR B 80 30.91 32.70 -2.56
CA THR B 80 32.02 32.52 -3.49
C THR B 80 32.51 31.09 -3.43
N GLU B 81 33.26 30.67 -4.41
CA GLU B 81 33.86 29.31 -4.42
C GLU B 81 34.70 29.13 -3.16
N SER B 82 35.46 30.15 -2.76
CA SER B 82 36.34 30.04 -1.59
C SER B 82 35.52 29.89 -0.29
N GLU B 83 34.56 30.76 -0.09
CA GLU B 83 33.82 30.80 1.19
C GLU B 83 32.90 29.58 1.24
N GLY B 84 32.32 29.21 0.13
CA GLY B 84 31.45 28.02 0.03
C GLY B 84 32.21 26.78 0.31
N ASP B 85 33.43 26.66 -0.20
CA ASP B 85 34.21 25.41 0.02
C ASP B 85 34.43 25.23 1.51
N ARG B 86 34.71 26.30 2.24
CA ARG B 86 34.97 26.23 3.69
C ARG B 86 33.68 25.84 4.42
N GLU B 87 32.53 26.43 4.06
CA GLU B 87 31.26 26.18 4.77
C GLU B 87 30.78 24.75 4.47
N LEU B 88 31.06 24.22 3.30
CA LEU B 88 30.65 22.83 2.92
C LEU B 88 31.49 21.85 3.73
N ALA B 89 32.78 22.07 3.86
CA ALA B 89 33.63 21.24 4.74
C ALA B 89 33.10 21.30 6.17
N ALA B 90 32.75 22.48 6.67
CA ALA B 90 32.28 22.70 8.05
C ALA B 90 30.99 21.90 8.30
N ALA B 91 30.04 21.92 7.35
CA ALA B 91 28.75 21.26 7.60
C ALA B 91 29.04 19.79 7.81
N TYR B 92 29.91 19.19 6.99
CA TYR B 92 30.18 17.74 7.13
C TYR B 92 30.94 17.49 8.45
N ARG B 93 31.86 18.34 8.85
CA ARG B 93 32.56 18.15 10.15
C ARG B 93 31.51 18.12 11.27
N GLU B 94 30.49 18.99 11.23
N GLU B 94 30.49 18.98 11.21
CA GLU B 94 29.41 18.97 12.27
CA GLU B 94 29.43 19.00 12.27
C GLU B 94 28.60 17.68 12.20
C GLU B 94 28.59 17.72 12.20
N VAL B 95 28.35 17.18 11.00
CA VAL B 95 27.65 15.88 10.84
C VAL B 95 28.48 14.78 11.55
N ALA B 96 29.79 14.73 11.37
CA ALA B 96 30.61 13.66 11.99
C ALA B 96 30.54 13.76 13.51
N LYS B 97 30.57 14.97 14.05
CA LYS B 97 30.45 15.19 15.54
C LYS B 97 29.10 14.67 16.00
N GLU B 98 28.00 14.97 15.31
CA GLU B 98 26.65 14.55 15.74
C GLU B 98 26.54 13.03 15.63
N VAL B 99 26.99 12.42 14.54
CA VAL B 99 26.92 10.96 14.39
C VAL B 99 27.67 10.31 15.59
N THR B 100 28.81 10.85 15.93
CA THR B 100 29.64 10.34 17.05
C THR B 100 28.85 10.49 18.35
N ARG B 101 28.31 11.67 18.59
CA ARG B 101 27.58 11.93 19.85
C ARG B 101 26.40 10.97 20.00
N LEU B 102 25.65 10.74 18.94
CA LEU B 102 24.42 9.92 18.93
C LEU B 102 24.72 8.44 19.19
N GLY B 103 25.94 7.96 18.92
CA GLY B 103 26.33 6.55 19.13
C GLY B 103 25.68 5.58 18.18
N VAL B 104 25.14 6.05 17.06
CA VAL B 104 24.53 5.21 16.02
C VAL B 104 25.62 4.35 15.41
N ASN B 105 25.23 3.21 14.88
CA ASN B 105 26.15 2.31 14.15
C ASN B 105 25.99 2.47 12.64
N SER B 106 24.99 3.25 12.16
CA SER B 106 24.83 3.55 10.73
C SER B 106 24.18 4.94 10.58
N VAL B 107 24.38 5.53 9.41
CA VAL B 107 23.83 6.86 9.08
C VAL B 107 23.63 6.89 7.56
N ALA B 108 22.52 7.46 7.11
CA ALA B 108 22.18 7.74 5.70
C ALA B 108 22.52 9.21 5.45
N ILE B 109 23.32 9.48 4.44
N ILE B 109 23.36 9.47 4.45
CA ILE B 109 23.80 10.87 4.17
CA ILE B 109 23.90 10.83 4.14
C ILE B 109 23.71 11.19 2.69
C ILE B 109 23.64 11.15 2.66
N PRO B 110 23.13 12.36 2.32
CA PRO B 110 23.11 12.81 0.94
C PRO B 110 24.34 13.67 0.65
N LEU B 111 24.58 14.02 -0.62
CA LEU B 111 25.72 14.90 -1.00
C LEU B 111 25.24 16.35 -0.89
N LEU B 112 25.68 17.04 0.14
CA LEU B 112 25.32 18.43 0.43
C LEU B 112 25.80 19.35 -0.72
N SER B 113 24.95 20.33 -1.02
CA SER B 113 25.21 21.42 -1.99
C SER B 113 25.34 20.89 -3.44
N THR B 114 24.78 19.75 -3.79
CA THR B 114 24.88 19.17 -5.17
C THR B 114 23.62 19.42 -5.99
N GLY B 115 22.52 19.85 -5.37
CA GLY B 115 21.26 20.11 -6.10
C GLY B 115 21.03 21.60 -6.34
N VAL B 116 19.93 22.15 -5.83
CA VAL B 116 19.56 23.58 -6.07
C VAL B 116 20.55 24.51 -5.36
N TYR B 117 21.42 24.05 -4.44
CA TYR B 117 22.51 24.88 -3.86
C TYR B 117 23.84 24.75 -4.64
N SER B 118 23.90 24.07 -5.80
CA SER B 118 25.16 23.84 -6.55
C SER B 118 25.63 25.07 -7.35
N GLY B 119 24.75 26.07 -7.55
CA GLY B 119 25.10 27.21 -8.41
C GLY B 119 25.23 26.79 -9.86
N GLY B 120 24.55 25.72 -10.26
CA GLY B 120 24.61 25.19 -11.64
C GLY B 120 25.85 24.36 -11.95
N LYS B 121 26.74 24.06 -10.99
CA LYS B 121 28.01 23.34 -11.23
C LYS B 121 27.86 21.89 -10.74
N ASP B 122 28.56 20.97 -11.40
CA ASP B 122 28.65 19.55 -10.99
C ASP B 122 29.59 19.49 -9.78
N ARG B 123 29.07 19.20 -8.58
CA ARG B 123 29.90 19.24 -7.32
C ARG B 123 30.01 17.85 -6.70
N LEU B 124 29.83 16.78 -7.47
CA LEU B 124 29.91 15.40 -6.89
C LEU B 124 31.27 15.24 -6.20
N THR B 125 32.39 15.44 -6.91
CA THR B 125 33.73 15.15 -6.37
C THR B 125 34.01 16.06 -5.17
N GLN B 126 33.69 17.32 -5.25
CA GLN B 126 33.92 18.28 -4.14
C GLN B 126 33.13 17.83 -2.91
N SER B 127 31.86 17.54 -3.07
CA SER B 127 30.98 17.26 -1.91
C SER B 127 31.41 15.89 -1.35
N LEU B 128 31.71 14.91 -2.18
CA LEU B 128 32.12 13.58 -1.70
C LEU B 128 33.47 13.69 -0.98
N ASN B 129 34.37 14.53 -1.46
CA ASN B 129 35.71 14.71 -0.82
C ASN B 129 35.49 15.23 0.60
N HIS B 130 34.62 16.21 0.79
CA HIS B 130 34.39 16.78 2.12
C HIS B 130 33.66 15.76 3.03
N LEU B 131 32.81 14.94 2.47
CA LEU B 131 32.08 13.90 3.23
C LEU B 131 33.14 12.91 3.77
N PHE B 132 34.01 12.41 2.91
CA PHE B 132 35.07 11.48 3.34
C PHE B 132 35.95 12.16 4.39
N THR B 133 36.41 13.39 4.15
CA THR B 133 37.34 14.05 5.09
C THR B 133 36.74 14.04 6.50
N ALA B 134 35.43 14.31 6.63
CA ALA B 134 34.77 14.36 7.93
C ALA B 134 34.49 12.96 8.47
N MET B 135 33.99 12.05 7.65
CA MET B 135 33.39 10.78 8.13
C MET B 135 34.49 9.72 8.26
N ASP B 136 35.68 9.87 7.70
CA ASP B 136 36.69 8.79 7.69
C ASP B 136 37.05 8.38 9.12
N SER B 137 37.13 9.33 10.05
CA SER B 137 37.55 9.06 11.45
C SER B 137 36.39 8.47 12.29
N THR B 138 35.17 8.40 11.79
CA THR B 138 33.99 7.83 12.51
C THR B 138 33.93 6.33 12.24
N ASP B 139 33.29 5.55 13.13
CA ASP B 139 33.15 4.09 12.92
C ASP B 139 31.74 3.68 12.57
N ALA B 140 30.83 4.63 12.26
CA ALA B 140 29.48 4.27 11.77
C ALA B 140 29.58 3.72 10.33
N ASP B 141 28.72 2.76 10.00
CA ASP B 141 28.46 2.43 8.59
C ASP B 141 27.78 3.63 7.92
N VAL B 142 28.42 4.13 6.88
CA VAL B 142 27.88 5.29 6.15
C VAL B 142 27.26 4.80 4.85
N VAL B 143 26.01 5.21 4.60
CA VAL B 143 25.27 4.91 3.35
C VAL B 143 24.99 6.24 2.66
N ILE B 144 25.64 6.44 1.52
CA ILE B 144 25.49 7.68 0.70
C ILE B 144 24.32 7.49 -0.25
N TYR B 145 23.39 8.44 -0.29
CA TYR B 145 22.19 8.35 -1.16
C TYR B 145 22.39 9.29 -2.34
N CYS B 146 21.88 8.89 -3.51
CA CYS B 146 21.86 9.73 -4.74
C CYS B 146 20.64 9.29 -5.57
N ARG B 147 20.34 10.01 -6.64
CA ARG B 147 19.19 9.65 -7.53
C ARG B 147 19.63 9.30 -8.95
N ASP B 148 20.78 9.81 -9.39
CA ASP B 148 21.26 9.75 -10.79
C ASP B 148 22.14 8.50 -10.98
N LYS B 149 21.89 7.72 -12.05
CA LYS B 149 22.65 6.48 -12.30
C LYS B 149 24.14 6.75 -12.57
N GLU B 150 24.47 7.81 -13.30
CA GLU B 150 25.88 8.18 -13.57
C GLU B 150 26.54 8.60 -12.25
N TRP B 151 25.81 9.31 -11.41
CA TRP B 151 26.34 9.70 -10.05
C TRP B 151 26.56 8.44 -9.18
N GLU B 152 25.59 7.52 -9.14
CA GLU B 152 25.76 6.25 -8.39
C GLU B 152 27.06 5.54 -8.80
N LYS B 153 27.29 5.39 -10.10
CA LYS B 153 28.50 4.72 -10.63
C LYS B 153 29.77 5.46 -10.18
N LYS B 154 29.80 6.79 -10.28
CA LYS B 154 31.01 7.59 -9.90
C LYS B 154 31.24 7.48 -8.38
N ILE B 155 30.18 7.52 -7.58
CA ILE B 155 30.32 7.44 -6.08
C ILE B 155 30.86 6.04 -5.74
N SER B 156 30.23 5.01 -6.30
CA SER B 156 30.67 3.60 -6.12
C SER B 156 32.15 3.47 -6.49
N GLU B 157 32.53 4.00 -7.65
CA GLU B 157 33.94 3.96 -8.15
C GLU B 157 34.86 4.57 -7.08
N ALA B 158 34.53 5.79 -6.63
CA ALA B 158 35.33 6.55 -5.64
C ALA B 158 35.46 5.74 -4.35
N ILE B 159 34.42 5.06 -3.88
CA ILE B 159 34.50 4.24 -2.63
C ILE B 159 35.48 3.07 -2.82
N GLN B 160 35.28 2.30 -3.89
CA GLN B 160 36.07 1.05 -4.16
C GLN B 160 37.56 1.35 -4.36
N MET B 161 37.90 2.51 -4.93
CA MET B 161 39.29 2.86 -5.33
C MET B 161 40.14 3.16 -4.10
N ARG B 162 39.54 3.35 -2.92
CA ARG B 162 40.31 3.75 -1.72
C ARG B 162 40.81 2.56 -0.88
N THR B 163 40.24 1.39 -1.14
CA THR B 163 40.41 0.12 -0.38
C THR B 163 41.28 -0.86 -1.17
N GLY C 1 -2.59 -22.03 -17.34
CA GLY C 1 -3.19 -22.03 -15.97
C GLY C 1 -3.34 -23.43 -15.41
N ALA C 2 -3.37 -23.58 -14.08
CA ALA C 2 -3.71 -24.86 -13.42
C ALA C 2 -5.17 -25.20 -13.72
N MET C 3 -5.50 -26.49 -13.89
CA MET C 3 -6.91 -26.92 -14.22
C MET C 3 -7.89 -26.54 -13.10
N ALA C 4 -7.47 -26.55 -11.85
CA ALA C 4 -8.28 -26.20 -10.67
C ALA C 4 -7.38 -25.40 -9.74
N PRO C 5 -7.12 -24.10 -10.07
CA PRO C 5 -6.14 -23.33 -9.30
C PRO C 5 -6.35 -23.39 -7.80
N SER C 6 -5.29 -23.65 -7.05
CA SER C 6 -5.36 -23.83 -5.58
C SER C 6 -4.35 -22.97 -4.82
N TYR C 7 -4.52 -22.92 -3.52
CA TYR C 7 -3.52 -22.50 -2.52
C TYR C 7 -3.08 -23.67 -1.67
N ARG C 8 -1.79 -23.77 -1.38
CA ARG C 8 -1.26 -24.74 -0.42
C ARG C 8 -0.20 -24.06 0.42
N VAL C 9 0.11 -24.61 1.59
CA VAL C 9 1.24 -24.14 2.42
C VAL C 9 2.17 -25.31 2.72
N LYS C 10 3.46 -25.01 2.69
CA LYS C 10 4.54 -25.96 3.09
C LYS C 10 5.47 -25.30 4.10
N ARG C 11 5.83 -26.06 5.12
CA ARG C 11 6.91 -25.72 6.08
C ARG C 11 8.21 -26.34 5.56
N MET C 12 8.99 -25.55 4.81
CA MET C 12 10.09 -26.04 3.98
C MET C 12 10.90 -24.84 3.47
N ASP C 13 12.17 -25.05 3.20
CA ASP C 13 13.07 -24.05 2.55
C ASP C 13 12.54 -23.75 1.13
N ILE C 14 12.19 -22.50 0.86
CA ILE C 14 11.65 -22.09 -0.46
C ILE C 14 12.73 -22.32 -1.54
N ALA C 15 14.00 -22.43 -1.14
CA ALA C 15 15.08 -22.63 -2.12
C ALA C 15 15.02 -24.04 -2.72
N LYS C 16 14.20 -24.92 -2.11
N LYS C 16 14.25 -24.94 -2.11
CA LYS C 16 14.01 -26.32 -2.51
CA LYS C 16 14.05 -26.33 -2.62
C LYS C 16 12.57 -26.53 -3.03
C LYS C 16 12.59 -26.53 -3.04
N ASN C 17 11.90 -25.46 -3.47
CA ASN C 17 10.50 -25.56 -3.94
C ASN C 17 10.32 -26.48 -5.16
N ASP C 18 9.09 -26.93 -5.36
CA ASP C 18 8.63 -27.80 -6.47
C ASP C 18 7.72 -27.07 -7.45
N GLU C 19 7.88 -25.75 -7.60
CA GLU C 19 7.06 -24.96 -8.51
C GLU C 19 7.87 -24.42 -9.68
N GLU C 20 7.15 -23.83 -10.64
CA GLU C 20 7.73 -23.36 -11.93
C GLU C 20 8.48 -22.04 -11.78
N CYS C 21 8.28 -21.31 -10.69
CA CYS C 21 9.02 -20.06 -10.42
C CYS C 21 8.99 -19.74 -8.93
N VAL C 22 9.83 -18.80 -8.50
CA VAL C 22 9.97 -18.46 -7.08
C VAL C 22 9.85 -16.96 -6.91
N VAL C 23 9.23 -16.55 -5.82
CA VAL C 23 9.24 -15.13 -5.35
C VAL C 23 10.29 -14.98 -4.29
N ASN C 24 11.22 -14.02 -4.51
CA ASN C 24 12.25 -13.70 -3.50
C ASN C 24 11.75 -12.51 -2.67
N ALA C 25 11.87 -12.58 -1.36
CA ALA C 25 11.57 -11.41 -0.49
C ALA C 25 12.82 -10.51 -0.52
N ALA C 26 12.89 -9.72 -1.56
CA ALA C 26 14.09 -8.95 -1.98
C ALA C 26 14.25 -7.64 -1.17
N ASN C 27 15.40 -6.98 -1.39
CA ASN C 27 15.69 -5.62 -0.89
C ASN C 27 15.85 -4.72 -2.11
N PRO C 28 15.59 -3.40 -1.98
CA PRO C 28 15.59 -2.51 -3.13
C PRO C 28 16.91 -2.46 -3.93
N ARG C 29 18.03 -2.82 -3.31
CA ARG C 29 19.38 -2.67 -3.91
C ARG C 29 19.71 -3.93 -4.71
N GLY C 30 19.01 -5.04 -4.49
CA GLY C 30 19.33 -6.30 -5.17
C GLY C 30 20.52 -7.00 -4.56
N LEU C 31 20.73 -6.86 -3.25
CA LEU C 31 21.82 -7.52 -2.48
C LEU C 31 21.35 -8.87 -1.98
N PRO C 32 22.29 -9.80 -1.78
CA PRO C 32 22.04 -11.07 -1.09
C PRO C 32 21.23 -10.98 0.21
N GLY C 33 21.38 -9.92 1.01
CA GLY C 33 20.50 -9.69 2.17
C GLY C 33 20.61 -10.83 3.18
N ASP C 34 19.49 -11.17 3.83
CA ASP C 34 19.37 -12.22 4.88
C ASP C 34 18.03 -12.95 4.73
N GLY C 35 17.80 -13.98 5.55
CA GLY C 35 16.51 -14.70 5.58
C GLY C 35 16.29 -15.48 4.29
N VAL C 36 15.08 -15.42 3.70
CA VAL C 36 14.81 -16.13 2.42
C VAL C 36 15.76 -15.56 1.36
N CYS C 37 16.01 -14.25 1.38
CA CYS C 37 16.85 -13.54 0.36
C CYS C 37 18.25 -14.16 0.22
N LYS C 38 18.91 -14.55 1.32
CA LYS C 38 20.26 -15.20 1.31
C LYS C 38 20.22 -16.65 0.76
N ALA C 39 19.31 -17.49 1.24
CA ALA C 39 19.08 -18.87 0.76
C ALA C 39 18.81 -18.85 -0.77
N VAL C 40 18.09 -17.84 -1.23
CA VAL C 40 17.69 -17.62 -2.63
C VAL C 40 18.94 -17.19 -3.42
N TYR C 41 19.76 -16.32 -2.83
CA TYR C 41 21.04 -15.87 -3.44
C TYR C 41 21.96 -17.10 -3.62
N LYS C 42 22.01 -18.01 -2.66
CA LYS C 42 22.91 -19.20 -2.71
C LYS C 42 22.40 -20.16 -3.79
N LYS C 43 21.08 -20.31 -3.96
CA LYS C 43 20.47 -21.25 -4.97
C LYS C 43 20.50 -20.64 -6.37
N TRP C 44 20.19 -19.36 -6.54
CA TRP C 44 20.02 -18.72 -7.85
C TRP C 44 20.80 -17.43 -7.97
N PRO C 45 22.13 -17.44 -7.74
CA PRO C 45 22.88 -16.18 -7.69
C PRO C 45 22.82 -15.41 -9.01
N GLU C 46 22.74 -16.10 -10.16
CA GLU C 46 22.65 -15.44 -11.49
C GLU C 46 21.42 -14.54 -11.61
N SER C 47 20.38 -14.81 -10.81
CA SER C 47 19.14 -14.04 -10.84
C SER C 47 19.32 -12.68 -10.15
N PHE C 48 20.45 -12.42 -9.50
CA PHE C 48 20.74 -11.13 -8.78
C PHE C 48 21.48 -10.15 -9.71
N LYS C 49 21.71 -10.51 -10.97
CA LYS C 49 22.20 -9.56 -12.02
C LYS C 49 21.14 -8.49 -12.31
N ASN C 50 21.38 -7.23 -11.91
CA ASN C 50 20.47 -6.08 -12.17
C ASN C 50 19.05 -6.38 -11.63
N SER C 51 18.99 -6.94 -10.42
CA SER C 51 17.70 -7.27 -9.75
C SER C 51 17.18 -6.11 -8.91
N ALA C 52 17.97 -5.05 -8.71
CA ALA C 52 17.53 -3.88 -7.92
C ALA C 52 16.18 -3.41 -8.43
N THR C 53 15.24 -3.08 -7.53
CA THR C 53 13.91 -2.59 -7.89
C THR C 53 13.29 -1.89 -6.67
N PRO C 54 12.46 -0.84 -6.85
CA PRO C 54 11.99 -0.07 -5.71
C PRO C 54 11.02 -0.84 -4.79
N VAL C 55 10.97 -0.37 -3.54
CA VAL C 55 9.88 -0.78 -2.59
C VAL C 55 8.52 -0.71 -3.29
N GLY C 56 7.70 -1.76 -3.10
CA GLY C 56 6.37 -1.84 -3.70
C GLY C 56 6.27 -2.37 -5.11
N THR C 57 7.39 -2.86 -5.65
CA THR C 57 7.59 -3.35 -7.05
C THR C 57 8.07 -4.80 -7.04
N ALA C 58 7.98 -5.46 -8.21
CA ALA C 58 8.61 -6.77 -8.42
C ALA C 58 9.33 -6.76 -9.78
N LYS C 59 10.50 -7.38 -9.81
CA LYS C 59 11.33 -7.50 -11.03
C LYS C 59 11.73 -8.97 -11.19
N THR C 60 11.48 -9.54 -12.37
CA THR C 60 11.85 -10.94 -12.67
C THR C 60 13.22 -11.01 -13.36
N VAL C 61 14.10 -11.83 -12.83
CA VAL C 61 15.39 -12.18 -13.51
C VAL C 61 15.47 -13.69 -13.61
N MET C 62 15.84 -14.18 -14.79
CA MET C 62 16.02 -15.63 -15.03
C MET C 62 17.35 -16.12 -14.45
N CYS C 63 17.34 -17.29 -13.85
CA CYS C 63 18.54 -18.08 -13.51
C CYS C 63 18.50 -19.31 -14.44
N GLY C 64 19.26 -19.29 -15.53
CA GLY C 64 18.99 -20.22 -16.65
C GLY C 64 17.67 -19.91 -17.31
N THR C 65 16.68 -20.80 -17.25
CA THR C 65 15.29 -20.51 -17.68
C THR C 65 14.34 -20.41 -16.45
N TYR C 66 14.83 -20.52 -15.24
CA TYR C 66 13.99 -20.58 -14.01
C TYR C 66 13.75 -19.14 -13.52
N PRO C 67 12.48 -18.64 -13.55
CA PRO C 67 12.22 -17.25 -13.17
C PRO C 67 12.30 -17.05 -11.64
N VAL C 68 13.06 -16.02 -11.25
CA VAL C 68 13.08 -15.48 -9.88
C VAL C 68 12.44 -14.11 -9.86
N ILE C 69 11.27 -14.00 -9.20
CA ILE C 69 10.50 -12.73 -9.12
C ILE C 69 10.94 -12.01 -7.84
N HIS C 70 11.77 -10.95 -7.95
CA HIS C 70 12.27 -10.22 -6.78
C HIS C 70 11.21 -9.20 -6.37
N ALA C 71 10.52 -9.45 -5.25
CA ALA C 71 9.39 -8.61 -4.77
C ALA C 71 9.87 -7.87 -3.54
N VAL C 72 9.77 -6.52 -3.60
CA VAL C 72 10.31 -5.70 -2.49
C VAL C 72 9.14 -5.20 -1.65
N GLY C 73 8.88 -5.88 -0.54
CA GLY C 73 7.93 -5.33 0.44
C GLY C 73 8.62 -4.27 1.27
N PRO C 74 7.81 -3.44 1.95
CA PRO C 74 8.37 -2.42 2.83
C PRO C 74 8.98 -3.04 4.09
N ASN C 75 10.01 -2.37 4.62
CA ASN C 75 10.57 -2.64 5.94
C ASN C 75 9.81 -1.78 6.94
N PHE C 76 9.01 -2.44 7.78
CA PHE C 76 8.17 -1.72 8.76
C PHE C 76 9.02 -1.15 9.91
N SER C 77 10.33 -1.40 10.00
CA SER C 77 11.20 -0.60 10.91
C SER C 77 11.23 0.87 10.50
N ASN C 78 11.07 1.10 9.19
CA ASN C 78 11.31 2.36 8.47
C ASN C 78 9.95 3.02 8.16
N TYR C 79 8.98 2.20 7.77
CA TYR C 79 7.70 2.67 7.20
C TYR C 79 6.70 2.77 8.34
N THR C 80 5.82 3.75 8.28
CA THR C 80 4.66 3.79 9.19
C THR C 80 3.70 2.65 8.86
N GLU C 81 2.80 2.33 9.76
CA GLU C 81 1.78 1.30 9.46
C GLU C 81 0.96 1.72 8.24
N SER C 82 0.55 2.99 8.14
CA SER C 82 -0.23 3.44 6.96
C SER C 82 0.54 3.31 5.65
N GLU C 83 1.73 3.88 5.55
CA GLU C 83 2.49 3.90 4.28
C GLU C 83 2.91 2.46 3.94
N GLY C 84 3.29 1.70 4.94
CA GLY C 84 3.75 0.32 4.68
C GLY C 84 2.62 -0.54 4.20
N ASP C 85 1.40 -0.37 4.73
CA ASP C 85 0.27 -1.24 4.32
C ASP C 85 0.04 -1.03 2.83
N ARG C 86 0.09 0.19 2.33
CA ARG C 86 -0.14 0.44 0.89
C ARG C 86 1.00 -0.19 0.06
N GLU C 87 2.25 -0.07 0.47
CA GLU C 87 3.41 -0.59 -0.32
C GLU C 87 3.38 -2.14 -0.29
N LEU C 88 2.95 -2.75 0.83
CA LEU C 88 2.89 -4.23 0.91
C LEU C 88 1.83 -4.71 -0.08
N ALA C 89 0.65 -4.08 -0.12
CA ALA C 89 -0.40 -4.43 -1.10
C ALA C 89 0.15 -4.31 -2.52
N ALA C 90 0.89 -3.24 -2.85
CA ALA C 90 1.39 -2.99 -4.20
C ALA C 90 2.44 -4.06 -4.58
N ALA C 91 3.33 -4.46 -3.68
CA ALA C 91 4.38 -5.48 -3.95
C ALA C 91 3.65 -6.77 -4.38
N TYR C 92 2.59 -7.14 -3.68
CA TYR C 92 1.85 -8.36 -4.07
C TYR C 92 1.15 -8.22 -5.42
N ARG C 93 0.54 -7.07 -5.69
N ARG C 93 0.56 -7.06 -5.72
CA ARG C 93 -0.10 -6.80 -7.00
CA ARG C 93 -0.11 -6.86 -7.02
C ARG C 93 0.94 -7.00 -8.11
C ARG C 93 0.94 -6.97 -8.14
N GLU C 94 2.16 -6.49 -7.91
CA GLU C 94 3.24 -6.64 -8.92
C GLU C 94 3.65 -8.12 -9.04
N VAL C 95 3.60 -8.90 -7.97
CA VAL C 95 3.92 -10.36 -8.09
C VAL C 95 2.85 -11.00 -8.98
N ALA C 96 1.56 -10.69 -8.77
CA ALA C 96 0.45 -11.22 -9.62
C ALA C 96 0.66 -10.87 -11.08
N LYS C 97 1.08 -9.64 -11.40
CA LYS C 97 1.35 -9.26 -12.80
C LYS C 97 2.52 -10.10 -13.35
N GLU C 98 3.59 -10.25 -12.58
CA GLU C 98 4.79 -11.01 -13.06
C GLU C 98 4.43 -12.47 -13.28
N VAL C 99 3.72 -13.10 -12.34
CA VAL C 99 3.32 -14.54 -12.52
C VAL C 99 2.46 -14.68 -13.77
N THR C 100 1.54 -13.75 -14.02
CA THR C 100 0.63 -13.76 -15.19
C THR C 100 1.48 -13.61 -16.47
N ARG C 101 2.37 -12.63 -16.50
CA ARG C 101 3.25 -12.33 -17.67
C ARG C 101 4.02 -13.60 -18.04
N LEU C 102 4.53 -14.32 -17.04
CA LEU C 102 5.42 -15.48 -17.30
C LEU C 102 4.64 -16.69 -17.85
N GLY C 103 3.34 -16.78 -17.63
CA GLY C 103 2.52 -17.91 -18.13
C GLY C 103 2.69 -19.19 -17.30
N VAL C 104 3.32 -19.12 -16.14
CA VAL C 104 3.61 -20.29 -15.26
C VAL C 104 2.30 -20.87 -14.71
N ASN C 105 2.30 -22.16 -14.42
CA ASN C 105 1.12 -22.83 -13.83
C ASN C 105 1.26 -22.94 -12.32
N SER C 106 2.40 -22.54 -11.76
CA SER C 106 2.65 -22.60 -10.31
C SER C 106 3.74 -21.64 -9.89
N VAL C 107 3.66 -21.18 -8.65
CA VAL C 107 4.58 -20.22 -8.04
C VAL C 107 4.78 -20.53 -6.56
N ALA C 108 6.01 -20.47 -6.06
CA ALA C 108 6.43 -20.57 -4.67
C ALA C 108 6.59 -19.17 -4.11
N ILE C 109 5.84 -18.84 -3.05
N ILE C 109 5.96 -18.86 -2.98
CA ILE C 109 5.81 -17.47 -2.45
CA ILE C 109 5.88 -17.46 -2.48
C ILE C 109 6.09 -17.55 -0.95
C ILE C 109 5.99 -17.46 -0.97
N PRO C 110 6.85 -16.58 -0.40
CA PRO C 110 6.94 -16.37 1.03
C PRO C 110 5.98 -15.22 1.43
N LEU C 111 5.73 -15.09 2.73
CA LEU C 111 4.90 -13.94 3.22
C LEU C 111 5.83 -12.70 3.31
N LEU C 112 5.61 -11.77 2.42
CA LEU C 112 6.40 -10.52 2.36
C LEU C 112 6.26 -9.72 3.65
N SER C 113 7.35 -9.08 4.05
CA SER C 113 7.42 -8.13 5.19
C SER C 113 7.12 -8.82 6.53
N THR C 114 7.33 -10.12 6.62
CA THR C 114 7.45 -10.85 7.90
C THR C 114 8.95 -10.97 8.15
N GLY C 115 9.36 -11.55 9.28
CA GLY C 115 10.78 -11.66 9.68
C GLY C 115 11.47 -10.31 9.72
N VAL C 116 12.56 -10.14 8.97
CA VAL C 116 13.53 -9.01 9.07
C VAL C 116 12.81 -7.67 8.83
N TYR C 117 11.83 -7.63 7.91
CA TYR C 117 11.09 -6.40 7.49
C TYR C 117 9.81 -6.23 8.33
N SER C 118 9.57 -7.06 9.36
CA SER C 118 8.31 -6.99 10.14
C SER C 118 8.29 -5.81 11.10
N GLY C 119 9.42 -5.17 11.38
CA GLY C 119 9.49 -4.15 12.44
C GLY C 119 9.15 -4.72 13.81
N GLY C 120 9.34 -6.03 14.00
CA GLY C 120 9.08 -6.74 15.28
C GLY C 120 7.61 -7.06 15.54
N LYS C 121 6.71 -6.95 14.56
CA LYS C 121 5.26 -7.23 14.75
C LYS C 121 4.92 -8.52 14.02
N ASP C 122 3.97 -9.30 14.54
CA ASP C 122 3.45 -10.49 13.83
C ASP C 122 2.52 -10.01 12.71
N ARG C 123 2.96 -10.19 11.46
CA ARG C 123 2.22 -9.72 10.24
C ARG C 123 1.67 -10.87 9.40
N LEU C 124 1.46 -12.07 9.97
CA LEU C 124 0.91 -13.20 9.20
C LEU C 124 -0.39 -12.81 8.51
N THR C 125 -1.41 -12.41 9.29
CA THR C 125 -2.75 -12.12 8.74
C THR C 125 -2.66 -10.98 7.72
N GLN C 126 -1.94 -9.90 8.05
CA GLN C 126 -1.84 -8.74 7.12
C GLN C 126 -1.22 -9.18 5.79
N SER C 127 -0.08 -9.85 5.89
CA SER C 127 0.67 -10.25 4.68
C SER C 127 -0.17 -11.24 3.85
N LEU C 128 -0.76 -12.24 4.51
CA LEU C 128 -1.58 -13.24 3.81
C LEU C 128 -2.82 -12.62 3.20
N ASN C 129 -3.49 -11.66 3.86
CA ASN C 129 -4.64 -10.96 3.27
C ASN C 129 -4.21 -10.28 1.96
N HIS C 130 -3.07 -9.57 1.96
CA HIS C 130 -2.63 -8.86 0.75
C HIS C 130 -2.27 -9.90 -0.34
N LEU C 131 -1.69 -11.04 0.06
CA LEU C 131 -1.34 -12.12 -0.92
C LEU C 131 -2.59 -12.61 -1.64
N PHE C 132 -3.63 -12.89 -0.85
CA PHE C 132 -4.91 -13.35 -1.44
C PHE C 132 -5.54 -12.28 -2.32
N THR C 133 -5.54 -11.00 -1.87
CA THR C 133 -6.18 -9.90 -2.65
C THR C 133 -5.54 -9.86 -4.05
N ALA C 134 -4.21 -10.07 -4.13
CA ALA C 134 -3.49 -9.98 -5.42
C ALA C 134 -3.60 -11.29 -6.23
N MET C 135 -3.49 -12.43 -5.56
CA MET C 135 -3.35 -13.73 -6.27
C MET C 135 -4.71 -14.39 -6.57
N ASP C 136 -5.82 -13.96 -5.97
CA ASP C 136 -7.09 -14.68 -6.15
C ASP C 136 -7.50 -14.64 -7.61
N SER C 137 -7.18 -13.58 -8.37
CA SER C 137 -7.62 -13.46 -9.78
C SER C 137 -6.64 -14.16 -10.73
N THR C 138 -5.56 -14.73 -10.24
CA THR C 138 -4.63 -15.54 -11.06
C THR C 138 -5.04 -17.01 -11.09
N ASP C 139 -4.63 -17.73 -12.13
CA ASP C 139 -4.96 -19.18 -12.28
C ASP C 139 -3.73 -20.05 -12.01
N ALA C 140 -2.65 -19.53 -11.42
CA ALA C 140 -1.50 -20.36 -11.04
C ALA C 140 -1.79 -21.10 -9.74
N ASP C 141 -1.29 -22.31 -9.58
CA ASP C 141 -1.20 -22.94 -8.25
C ASP C 141 -0.23 -22.14 -7.38
N VAL C 142 -0.67 -21.69 -6.22
CA VAL C 142 0.17 -20.91 -5.31
C VAL C 142 0.57 -21.79 -4.16
N VAL C 143 1.86 -21.88 -3.89
CA VAL C 143 2.42 -22.62 -2.74
C VAL C 143 3.14 -21.65 -1.82
N ILE C 144 2.63 -21.46 -0.61
CA ILE C 144 3.21 -20.53 0.40
C ILE C 144 4.23 -21.27 1.23
N TYR C 145 5.42 -20.73 1.39
CA TYR C 145 6.50 -21.37 2.16
C TYR C 145 6.70 -20.64 3.48
N CYS C 146 6.78 -21.38 4.57
CA CYS C 146 7.04 -20.81 5.91
C CYS C 146 8.01 -21.72 6.68
N ARG C 147 8.48 -21.27 7.85
CA ARG C 147 9.49 -22.04 8.65
C ARG C 147 8.92 -22.48 10.00
N ASP C 148 7.94 -21.75 10.54
CA ASP C 148 7.40 -21.94 11.90
C ASP C 148 6.17 -22.84 11.87
N LYS C 149 6.09 -23.82 12.78
CA LYS C 149 4.93 -24.75 12.82
C LYS C 149 3.61 -24.04 13.17
N GLU C 150 3.63 -23.04 14.05
CA GLU C 150 2.37 -22.31 14.39
C GLU C 150 1.91 -21.49 13.16
N TRP C 151 2.83 -20.91 12.40
CA TRP C 151 2.47 -20.15 11.16
C TRP C 151 1.87 -21.12 10.13
N GLU C 152 2.46 -22.30 9.96
CA GLU C 152 1.94 -23.30 9.01
C GLU C 152 0.48 -23.61 9.32
N LYS C 153 0.15 -23.82 10.60
CA LYS C 153 -1.24 -24.14 11.04
C LYS C 153 -2.17 -22.95 10.74
N LYS C 154 -1.78 -21.75 11.12
CA LYS C 154 -2.57 -20.50 10.92
C LYS C 154 -2.81 -20.29 9.42
N ILE C 155 -1.76 -20.43 8.61
CA ILE C 155 -1.92 -20.24 7.11
C ILE C 155 -2.85 -21.32 6.55
N SER C 156 -2.70 -22.56 6.98
CA SER C 156 -3.55 -23.67 6.49
C SER C 156 -5.02 -23.41 6.88
N GLU C 157 -5.27 -23.01 8.13
CA GLU C 157 -6.64 -22.66 8.61
C GLU C 157 -7.25 -21.61 7.68
N ALA C 158 -6.50 -20.55 7.37
CA ALA C 158 -6.98 -19.43 6.54
C ALA C 158 -7.36 -19.91 5.13
N ILE C 159 -6.55 -20.77 4.52
CA ILE C 159 -6.78 -21.31 3.15
C ILE C 159 -8.08 -22.13 3.21
N GLN C 160 -8.18 -23.02 4.19
CA GLN C 160 -9.29 -24.00 4.23
C GLN C 160 -10.60 -23.27 4.54
N MET C 161 -10.57 -22.19 5.32
CA MET C 161 -11.78 -21.38 5.66
C MET C 161 -12.55 -20.97 4.41
N ARG C 162 -11.91 -20.80 3.24
CA ARG C 162 -12.55 -20.18 2.04
C ARG C 162 -13.01 -21.24 1.03
N THR C 163 -12.68 -22.52 1.23
CA THR C 163 -12.90 -23.59 0.21
C THR C 163 -14.30 -24.19 0.39
N PRO D 5 -28.85 -15.83 -33.72
CA PRO D 5 -29.36 -15.53 -32.35
C PRO D 5 -29.97 -14.13 -32.28
N SER D 6 -30.63 -13.83 -31.16
N SER D 6 -30.77 -13.89 -31.24
CA SER D 6 -31.40 -12.58 -30.90
CA SER D 6 -31.39 -12.58 -30.91
C SER D 6 -30.95 -11.94 -29.58
C SER D 6 -30.67 -11.99 -29.69
N TYR D 7 -30.58 -10.66 -29.60
CA TYR D 7 -29.94 -9.96 -28.46
C TYR D 7 -30.91 -8.97 -27.84
N ARG D 8 -31.00 -8.98 -26.51
CA ARG D 8 -31.65 -7.94 -25.68
C ARG D 8 -30.73 -7.56 -24.54
N VAL D 9 -31.02 -6.44 -23.90
CA VAL D 9 -30.31 -5.97 -22.69
C VAL D 9 -31.38 -5.68 -21.64
N LYS D 10 -31.08 -6.03 -20.40
CA LYS D 10 -31.88 -5.72 -19.21
C LYS D 10 -30.96 -5.07 -18.18
N ARG D 11 -31.44 -4.01 -17.53
CA ARG D 11 -30.78 -3.34 -16.40
C ARG D 11 -31.40 -3.91 -15.13
N MET D 12 -30.84 -5.03 -14.67
CA MET D 12 -31.36 -5.77 -13.49
C MET D 12 -30.29 -6.77 -13.01
N ASP D 13 -30.46 -7.28 -11.78
CA ASP D 13 -29.56 -8.28 -11.16
C ASP D 13 -29.68 -9.59 -11.95
N ILE D 14 -28.60 -10.05 -12.55
CA ILE D 14 -28.58 -11.30 -13.36
C ILE D 14 -29.01 -12.49 -12.50
N ALA D 15 -28.89 -12.38 -11.20
CA ALA D 15 -29.35 -13.44 -10.25
C ALA D 15 -30.89 -13.62 -10.34
N LYS D 16 -31.59 -12.66 -10.96
CA LYS D 16 -33.08 -12.67 -11.12
C LYS D 16 -33.45 -12.83 -12.60
N ASN D 17 -32.57 -13.39 -13.42
CA ASN D 17 -32.81 -13.52 -14.87
C ASN D 17 -34.03 -14.41 -15.20
N ASP D 18 -34.59 -14.23 -16.38
CA ASP D 18 -35.76 -14.98 -16.89
C ASP D 18 -35.32 -15.90 -18.02
N GLU D 19 -34.08 -16.40 -18.03
CA GLU D 19 -33.54 -17.27 -19.09
C GLU D 19 -33.29 -18.70 -18.60
N GLU D 20 -33.01 -19.62 -19.52
CA GLU D 20 -32.86 -21.08 -19.21
C GLU D 20 -31.52 -21.38 -18.52
N CYS D 21 -30.55 -20.46 -18.56
CA CYS D 21 -29.24 -20.70 -17.93
C CYS D 21 -28.54 -19.35 -17.76
N VAL D 22 -27.51 -19.36 -16.93
CA VAL D 22 -26.81 -18.10 -16.57
C VAL D 22 -25.33 -18.30 -16.76
N VAL D 23 -24.68 -17.21 -17.18
CA VAL D 23 -23.20 -17.12 -17.21
C VAL D 23 -22.73 -16.32 -16.00
N ASN D 24 -21.87 -16.92 -15.22
CA ASN D 24 -21.24 -16.27 -14.07
C ASN D 24 -19.96 -15.57 -14.55
N ALA D 25 -19.74 -14.32 -14.14
CA ALA D 25 -18.41 -13.68 -14.28
C ALA D 25 -17.53 -14.16 -13.12
N ALA D 26 -16.94 -15.34 -13.32
CA ALA D 26 -16.27 -16.11 -12.25
C ALA D 26 -14.81 -15.73 -12.05
N ASN D 27 -14.27 -16.11 -10.93
CA ASN D 27 -12.82 -16.06 -10.70
C ASN D 27 -12.27 -17.44 -10.98
N PRO D 28 -10.96 -17.56 -11.14
CA PRO D 28 -10.42 -18.86 -11.48
C PRO D 28 -10.46 -19.89 -10.36
N ARG D 29 -10.64 -19.44 -9.13
CA ARG D 29 -10.52 -20.32 -7.92
C ARG D 29 -11.88 -20.82 -7.47
N GLY D 30 -12.97 -20.43 -8.12
CA GLY D 30 -14.31 -20.82 -7.65
C GLY D 30 -14.65 -20.20 -6.32
N LEU D 31 -14.09 -19.04 -5.95
CA LEU D 31 -14.45 -18.31 -4.72
C LEU D 31 -15.73 -17.50 -4.94
N PRO D 32 -16.45 -17.17 -3.85
CA PRO D 32 -17.66 -16.35 -3.97
C PRO D 32 -17.45 -14.97 -4.60
N GLY D 33 -16.29 -14.35 -4.37
CA GLY D 33 -15.94 -13.08 -5.01
C GLY D 33 -16.82 -11.90 -4.60
N ASP D 34 -17.05 -10.99 -5.53
CA ASP D 34 -17.86 -9.75 -5.36
C ASP D 34 -18.60 -9.47 -6.68
N GLY D 35 -19.49 -8.49 -6.70
CA GLY D 35 -20.25 -8.14 -7.91
C GLY D 35 -21.16 -9.28 -8.36
N VAL D 36 -21.23 -9.48 -9.67
CA VAL D 36 -22.05 -10.57 -10.30
C VAL D 36 -21.70 -11.87 -9.58
N CYS D 37 -20.42 -12.17 -9.39
CA CYS D 37 -19.99 -13.49 -8.85
C CYS D 37 -20.64 -13.67 -7.47
N LYS D 38 -20.67 -12.64 -6.63
CA LYS D 38 -21.24 -12.78 -5.25
C LYS D 38 -22.77 -13.00 -5.32
N ALA D 39 -23.45 -12.34 -6.24
CA ALA D 39 -24.91 -12.47 -6.42
C ALA D 39 -25.22 -13.90 -6.90
N VAL D 40 -24.38 -14.43 -7.78
CA VAL D 40 -24.52 -15.77 -8.35
C VAL D 40 -24.30 -16.76 -7.20
N TYR D 41 -23.29 -16.53 -6.35
CA TYR D 41 -23.00 -17.42 -5.20
C TYR D 41 -24.20 -17.47 -4.21
N LYS D 42 -24.83 -16.32 -3.96
CA LYS D 42 -25.98 -16.23 -3.01
C LYS D 42 -27.21 -16.91 -3.61
N LYS D 43 -27.37 -16.90 -4.93
CA LYS D 43 -28.57 -17.49 -5.62
C LYS D 43 -28.39 -18.99 -5.89
N TRP D 44 -27.22 -19.40 -6.37
CA TRP D 44 -26.94 -20.78 -6.81
C TRP D 44 -25.66 -21.31 -6.15
N PRO D 45 -25.56 -21.35 -4.81
CA PRO D 45 -24.30 -21.74 -4.18
C PRO D 45 -23.87 -23.16 -4.55
N GLU D 46 -24.80 -24.08 -4.81
CA GLU D 46 -24.43 -25.48 -5.11
C GLU D 46 -23.64 -25.53 -6.42
N SER D 47 -23.78 -24.50 -7.27
CA SER D 47 -23.07 -24.46 -8.57
C SER D 47 -21.56 -24.18 -8.40
N PHE D 48 -21.08 -23.91 -7.19
CA PHE D 48 -19.64 -23.64 -6.99
C PHE D 48 -18.88 -24.91 -6.55
N LYS D 49 -19.53 -26.08 -6.55
CA LYS D 49 -18.82 -27.36 -6.35
C LYS D 49 -17.89 -27.61 -7.53
N ASN D 50 -16.58 -27.57 -7.28
CA ASN D 50 -15.56 -27.83 -8.32
C ASN D 50 -15.80 -26.92 -9.54
N SER D 51 -16.08 -25.64 -9.29
CA SER D 51 -16.23 -24.65 -10.38
C SER D 51 -14.90 -24.01 -10.76
N ALA D 52 -13.83 -24.19 -10.01
CA ALA D 52 -12.50 -23.62 -10.35
C ALA D 52 -12.13 -24.04 -11.77
N THR D 53 -11.61 -23.08 -12.56
CA THR D 53 -11.24 -23.33 -13.98
C THR D 53 -10.27 -22.21 -14.39
N PRO D 54 -9.43 -22.44 -15.40
CA PRO D 54 -8.45 -21.42 -15.71
C PRO D 54 -9.07 -20.20 -16.44
N VAL D 55 -8.27 -19.12 -16.45
CA VAL D 55 -8.62 -17.91 -17.26
C VAL D 55 -8.86 -18.30 -18.71
N GLY D 56 -9.85 -17.73 -19.36
CA GLY D 56 -10.16 -18.02 -20.76
C GLY D 56 -10.97 -19.27 -20.98
N THR D 57 -11.48 -19.90 -19.90
CA THR D 57 -12.30 -21.12 -19.97
C THR D 57 -13.68 -20.90 -19.36
N ALA D 58 -14.58 -21.83 -19.70
CA ALA D 58 -15.91 -21.88 -19.07
C ALA D 58 -16.17 -23.31 -18.51
N LYS D 59 -16.73 -23.40 -17.33
CA LYS D 59 -17.07 -24.71 -16.70
C LYS D 59 -18.51 -24.60 -16.20
N THR D 60 -19.35 -25.52 -16.69
CA THR D 60 -20.78 -25.55 -16.32
C THR D 60 -21.01 -26.49 -15.13
N VAL D 61 -21.68 -25.98 -14.12
CA VAL D 61 -22.10 -26.77 -12.93
C VAL D 61 -23.59 -26.52 -12.75
N MET D 62 -24.35 -27.62 -12.53
CA MET D 62 -25.80 -27.53 -12.31
C MET D 62 -26.11 -27.10 -10.86
N CYS D 63 -27.14 -26.29 -10.70
CA CYS D 63 -27.78 -26.02 -9.42
C CYS D 63 -29.20 -26.59 -9.57
N GLY D 64 -29.45 -27.78 -9.03
CA GLY D 64 -30.68 -28.51 -9.42
C GLY D 64 -30.57 -28.91 -10.85
N THR D 65 -31.48 -28.45 -11.72
CA THR D 65 -31.39 -28.64 -13.18
C THR D 65 -31.03 -27.32 -13.87
N TYR D 66 -30.69 -26.29 -13.11
CA TYR D 66 -30.41 -24.95 -13.69
C TYR D 66 -28.90 -24.85 -13.94
N PRO D 67 -28.45 -24.66 -15.22
CA PRO D 67 -27.03 -24.61 -15.53
C PRO D 67 -26.40 -23.23 -15.27
N VAL D 68 -25.31 -23.25 -14.54
CA VAL D 68 -24.50 -22.04 -14.24
C VAL D 68 -23.19 -22.26 -15.00
N ILE D 69 -22.94 -21.42 -16.00
CA ILE D 69 -21.73 -21.49 -16.87
C ILE D 69 -20.71 -20.55 -16.25
N HIS D 70 -19.73 -21.04 -15.50
CA HIS D 70 -18.71 -20.18 -14.86
C HIS D 70 -17.67 -19.80 -15.91
N ALA D 71 -17.61 -18.53 -16.31
CA ALA D 71 -16.73 -18.07 -17.39
C ALA D 71 -15.69 -17.14 -16.77
N VAL D 72 -14.43 -17.46 -16.99
CA VAL D 72 -13.32 -16.70 -16.33
C VAL D 72 -12.67 -15.74 -17.34
N GLY D 73 -13.07 -14.50 -17.27
CA GLY D 73 -12.40 -13.45 -18.07
C GLY D 73 -11.10 -13.09 -17.39
N PRO D 74 -10.15 -12.48 -18.14
CA PRO D 74 -8.90 -12.04 -17.56
C PRO D 74 -9.06 -10.79 -16.68
N ASN D 75 -8.23 -10.70 -15.66
CA ASN D 75 -8.08 -9.46 -14.86
C ASN D 75 -7.06 -8.60 -15.60
N PHE D 76 -7.50 -7.50 -16.21
CA PHE D 76 -6.57 -6.57 -16.88
C PHE D 76 -5.64 -5.84 -15.92
N SER D 77 -5.77 -5.92 -14.59
CA SER D 77 -4.67 -5.53 -13.67
C SER D 77 -3.47 -6.44 -13.84
N ASN D 78 -3.66 -7.70 -14.25
CA ASN D 78 -2.54 -8.69 -14.29
C ASN D 78 -2.05 -8.90 -15.73
N TYR D 79 -2.95 -8.84 -16.72
CA TYR D 79 -2.67 -9.18 -18.13
C TYR D 79 -2.31 -7.89 -18.87
N THR D 80 -1.42 -8.01 -19.85
CA THR D 80 -1.26 -6.91 -20.85
C THR D 80 -2.52 -6.74 -21.65
N GLU D 81 -2.70 -5.59 -22.32
CA GLU D 81 -3.83 -5.42 -23.25
C GLU D 81 -3.88 -6.53 -24.31
N SER D 82 -2.71 -6.88 -24.89
CA SER D 82 -2.62 -7.87 -25.96
C SER D 82 -3.03 -9.26 -25.40
N GLU D 83 -2.41 -9.71 -24.31
CA GLU D 83 -2.69 -11.10 -23.85
C GLU D 83 -4.10 -11.19 -23.30
N GLY D 84 -4.54 -10.16 -22.59
CA GLY D 84 -5.92 -10.05 -22.05
C GLY D 84 -6.97 -10.09 -23.13
N ASP D 85 -6.78 -9.37 -24.24
CA ASP D 85 -7.74 -9.44 -25.36
C ASP D 85 -7.96 -10.87 -25.83
N ARG D 86 -6.91 -11.66 -25.98
CA ARG D 86 -6.96 -13.05 -26.47
C ARG D 86 -7.76 -13.86 -25.43
N GLU D 87 -7.52 -13.66 -24.14
CA GLU D 87 -8.19 -14.46 -23.08
C GLU D 87 -9.66 -14.07 -22.99
N LEU D 88 -10.02 -12.82 -23.27
CA LEU D 88 -11.41 -12.37 -23.17
C LEU D 88 -12.18 -12.98 -24.34
N ALA D 89 -11.60 -12.98 -25.54
CA ALA D 89 -12.19 -13.66 -26.71
C ALA D 89 -12.42 -15.14 -26.38
N ALA D 90 -11.43 -15.78 -25.77
CA ALA D 90 -11.42 -17.23 -25.49
C ALA D 90 -12.54 -17.56 -24.48
N ALA D 91 -12.71 -16.74 -23.44
CA ALA D 91 -13.75 -17.00 -22.41
C ALA D 91 -15.13 -17.01 -23.09
N TYR D 92 -15.41 -16.04 -23.94
CA TYR D 92 -16.70 -15.98 -24.65
C TYR D 92 -16.88 -17.13 -25.64
N ARG D 93 -15.81 -17.50 -26.36
CA ARG D 93 -15.79 -18.70 -27.26
C ARG D 93 -16.26 -19.93 -26.48
N GLU D 94 -15.72 -20.13 -25.28
CA GLU D 94 -16.01 -21.33 -24.45
C GLU D 94 -17.45 -21.25 -23.93
N VAL D 95 -17.94 -20.07 -23.58
CA VAL D 95 -19.37 -19.85 -23.21
C VAL D 95 -20.27 -20.33 -24.38
N ALA D 96 -20.02 -19.84 -25.60
CA ALA D 96 -20.83 -20.21 -26.79
C ALA D 96 -20.85 -21.74 -26.95
N LYS D 97 -19.70 -22.39 -26.83
CA LYS D 97 -19.61 -23.85 -26.97
C LYS D 97 -20.53 -24.51 -25.93
N GLU D 98 -20.50 -24.05 -24.69
CA GLU D 98 -21.37 -24.63 -23.62
C GLU D 98 -22.86 -24.36 -23.88
N VAL D 99 -23.23 -23.16 -24.29
CA VAL D 99 -24.63 -22.84 -24.64
C VAL D 99 -25.11 -23.83 -25.72
N THR D 100 -24.32 -24.05 -26.78
CA THR D 100 -24.71 -24.98 -27.86
C THR D 100 -24.85 -26.39 -27.29
N ARG D 101 -23.88 -26.84 -26.51
CA ARG D 101 -23.84 -28.23 -26.00
C ARG D 101 -25.06 -28.49 -25.09
N LEU D 102 -25.46 -27.49 -24.29
CA LEU D 102 -26.58 -27.64 -23.33
C LEU D 102 -27.91 -27.66 -24.08
N GLY D 103 -27.96 -27.11 -25.30
CA GLY D 103 -29.17 -27.04 -26.15
C GLY D 103 -30.25 -26.11 -25.61
N VAL D 104 -29.90 -25.16 -24.75
CA VAL D 104 -30.87 -24.21 -24.17
C VAL D 104 -31.43 -23.29 -25.28
N ASN D 105 -32.57 -22.67 -25.00
CA ASN D 105 -33.21 -21.71 -25.92
C ASN D 105 -32.74 -20.28 -25.60
N SER D 106 -32.24 -20.04 -24.39
CA SER D 106 -31.93 -18.67 -23.91
C SER D 106 -30.83 -18.72 -22.87
N VAL D 107 -30.08 -17.64 -22.77
CA VAL D 107 -28.95 -17.50 -21.82
C VAL D 107 -28.88 -16.06 -21.35
N ALA D 108 -28.68 -15.85 -20.06
CA ALA D 108 -28.41 -14.59 -19.37
C ALA D 108 -26.89 -14.45 -19.27
N ILE D 109 -26.33 -13.32 -19.73
N ILE D 109 -26.34 -13.32 -19.78
CA ILE D 109 -24.85 -13.16 -19.81
CA ILE D 109 -24.87 -13.08 -19.85
C ILE D 109 -24.46 -11.74 -19.39
C ILE D 109 -24.53 -11.70 -19.29
N PRO D 110 -23.45 -11.59 -18.49
CA PRO D 110 -22.91 -10.29 -18.10
C PRO D 110 -21.74 -9.94 -19.02
N LEU D 111 -21.31 -8.67 -18.99
CA LEU D 111 -20.09 -8.26 -19.76
C LEU D 111 -18.84 -8.59 -18.97
N LEU D 112 -18.16 -9.67 -19.39
CA LEU D 112 -16.94 -10.16 -18.75
C LEU D 112 -15.85 -9.09 -18.73
N SER D 113 -15.12 -9.01 -17.65
CA SER D 113 -13.90 -8.18 -17.48
C SER D 113 -14.23 -6.67 -17.47
N THR D 114 -15.48 -6.27 -17.20
CA THR D 114 -15.90 -4.84 -17.19
C THR D 114 -16.02 -4.19 -15.81
N GLY D 115 -15.87 -4.94 -14.74
CA GLY D 115 -15.95 -4.44 -13.37
C GLY D 115 -14.60 -4.43 -12.71
N VAL D 116 -14.43 -5.15 -11.61
CA VAL D 116 -13.12 -5.18 -10.88
C VAL D 116 -12.03 -5.87 -11.72
N TYR D 117 -12.33 -6.55 -12.83
CA TYR D 117 -11.28 -7.12 -13.72
C TYR D 117 -10.93 -6.14 -14.86
N SER D 118 -11.46 -4.91 -14.85
CA SER D 118 -11.29 -3.97 -15.99
C SER D 118 -9.95 -3.24 -15.96
N GLY D 119 -9.17 -3.33 -14.87
CA GLY D 119 -7.91 -2.59 -14.74
C GLY D 119 -8.16 -1.09 -14.76
N GLY D 120 -9.37 -0.67 -14.34
CA GLY D 120 -9.77 0.75 -14.20
C GLY D 120 -10.15 1.41 -15.53
N LYS D 121 -10.31 0.65 -16.60
CA LYS D 121 -10.61 1.14 -17.97
C LYS D 121 -12.06 0.80 -18.31
N ASP D 122 -12.68 1.62 -19.16
CA ASP D 122 -14.03 1.38 -19.71
C ASP D 122 -13.91 0.36 -20.82
N ARG D 123 -14.38 -0.88 -20.59
CA ARG D 123 -14.31 -2.00 -21.54
C ARG D 123 -15.66 -2.43 -22.09
N LEU D 124 -16.69 -1.56 -22.04
CA LEU D 124 -18.03 -1.92 -22.56
C LEU D 124 -17.91 -2.39 -24.01
N THR D 125 -17.34 -1.57 -24.91
CA THR D 125 -17.27 -1.87 -26.36
C THR D 125 -16.43 -3.14 -26.63
N GLN D 126 -15.28 -3.24 -25.98
CA GLN D 126 -14.36 -4.39 -26.13
C GLN D 126 -15.08 -5.69 -25.71
N SER D 127 -15.66 -5.68 -24.53
CA SER D 127 -16.34 -6.89 -24.00
C SER D 127 -17.56 -7.28 -24.88
N LEU D 128 -18.42 -6.31 -25.22
CA LEU D 128 -19.57 -6.56 -26.11
C LEU D 128 -19.15 -7.08 -27.47
N ASN D 129 -18.03 -6.58 -28.05
CA ASN D 129 -17.61 -7.03 -29.38
C ASN D 129 -17.22 -8.51 -29.32
N HIS D 130 -16.53 -8.95 -28.28
CA HIS D 130 -16.15 -10.39 -28.15
C HIS D 130 -17.42 -11.24 -27.88
N LEU D 131 -18.35 -10.70 -27.10
CA LEU D 131 -19.65 -11.40 -26.81
C LEU D 131 -20.39 -11.67 -28.14
N PHE D 132 -20.57 -10.64 -28.96
CA PHE D 132 -21.31 -10.80 -30.25
C PHE D 132 -20.54 -11.80 -31.12
N THR D 133 -19.22 -11.68 -31.22
CA THR D 133 -18.42 -12.57 -32.10
C THR D 133 -18.70 -14.03 -31.72
N ALA D 134 -18.62 -14.34 -30.43
CA ALA D 134 -18.81 -15.74 -29.97
C ALA D 134 -20.28 -16.15 -30.10
N MET D 135 -21.21 -15.34 -29.64
CA MET D 135 -22.61 -15.80 -29.45
C MET D 135 -23.31 -15.82 -30.81
N ASP D 136 -22.77 -15.11 -31.81
CA ASP D 136 -23.37 -15.15 -33.18
C ASP D 136 -23.32 -16.58 -33.71
N SER D 137 -22.47 -17.45 -33.16
CA SER D 137 -22.30 -18.85 -33.63
C SER D 137 -23.38 -19.75 -33.03
N THR D 138 -24.20 -19.26 -32.10
CA THR D 138 -25.31 -20.04 -31.46
C THR D 138 -26.66 -19.65 -32.08
N ASP D 139 -27.73 -20.34 -31.71
CA ASP D 139 -29.09 -19.89 -32.14
C ASP D 139 -29.94 -19.54 -30.91
N ALA D 140 -29.31 -19.28 -29.77
CA ALA D 140 -30.02 -18.95 -28.52
C ALA D 140 -30.43 -17.48 -28.50
N ASP D 141 -31.52 -17.19 -27.80
CA ASP D 141 -31.87 -15.84 -27.33
C ASP D 141 -30.87 -15.44 -26.26
N VAL D 142 -30.15 -14.36 -26.50
CA VAL D 142 -29.12 -13.88 -25.55
C VAL D 142 -29.66 -12.62 -24.89
N VAL D 143 -29.66 -12.60 -23.57
CA VAL D 143 -30.05 -11.46 -22.75
C VAL D 143 -28.84 -10.98 -21.93
N ILE D 144 -28.35 -9.79 -22.25
CA ILE D 144 -27.19 -9.15 -21.60
C ILE D 144 -27.68 -8.38 -20.40
N TYR D 145 -27.05 -8.54 -19.24
CA TYR D 145 -27.42 -7.92 -17.97
C TYR D 145 -26.39 -6.86 -17.60
N CYS D 146 -26.83 -5.67 -17.19
CA CYS D 146 -25.98 -4.55 -16.71
C CYS D 146 -26.67 -3.83 -15.55
N ARG D 147 -25.99 -2.94 -14.82
CA ARG D 147 -26.61 -2.27 -13.65
C ARG D 147 -26.70 -0.76 -13.88
N ASP D 148 -26.06 -0.26 -14.93
CA ASP D 148 -25.92 1.22 -15.13
C ASP D 148 -26.81 1.68 -16.30
N LYS D 149 -27.51 2.81 -16.14
CA LYS D 149 -28.46 3.33 -17.18
C LYS D 149 -27.73 3.74 -18.47
N GLU D 150 -26.58 4.39 -18.35
CA GLU D 150 -25.78 4.83 -19.53
C GLU D 150 -25.23 3.59 -20.25
N TRP D 151 -24.81 2.58 -19.49
CA TRP D 151 -24.36 1.29 -20.08
C TRP D 151 -25.51 0.58 -20.80
N GLU D 152 -26.75 0.63 -20.29
CA GLU D 152 -27.92 0.00 -20.98
C GLU D 152 -28.14 0.62 -22.37
N LYS D 153 -28.25 1.95 -22.48
CA LYS D 153 -28.51 2.67 -23.75
C LYS D 153 -27.39 2.33 -24.74
N LYS D 154 -26.14 2.39 -24.26
CA LYS D 154 -24.91 2.10 -25.02
C LYS D 154 -24.97 0.65 -25.53
N ILE D 155 -25.36 -0.31 -24.68
CA ILE D 155 -25.52 -1.72 -25.11
C ILE D 155 -26.69 -1.83 -26.12
N SER D 156 -27.84 -1.23 -25.79
CA SER D 156 -29.04 -1.24 -26.66
C SER D 156 -28.71 -0.62 -28.02
N GLU D 157 -28.00 0.52 -28.02
CA GLU D 157 -27.58 1.19 -29.29
C GLU D 157 -26.69 0.23 -30.08
N ALA D 158 -25.75 -0.47 -29.44
CA ALA D 158 -24.86 -1.42 -30.16
C ALA D 158 -25.69 -2.55 -30.76
N ILE D 159 -26.70 -3.04 -30.03
CA ILE D 159 -27.60 -4.09 -30.54
C ILE D 159 -28.33 -3.52 -31.76
N GLN D 160 -28.94 -2.34 -31.62
CA GLN D 160 -29.75 -1.68 -32.69
C GLN D 160 -28.90 -1.53 -33.95
N MET D 161 -27.64 -1.08 -33.79
CA MET D 161 -26.75 -0.73 -34.92
C MET D 161 -26.38 -1.96 -35.78
N ARG D 162 -26.38 -3.18 -35.22
CA ARG D 162 -26.00 -4.41 -35.98
C ARG D 162 -27.12 -4.86 -36.92
N THR D 163 -28.34 -4.37 -36.73
CA THR D 163 -29.53 -4.79 -37.52
C THR D 163 -29.55 -3.98 -38.82
S DMS E . -1.45 8.86 -1.60
O DMS E . -2.55 7.79 -1.25
C1 DMS E . -1.32 9.87 -0.23
C2 DMS E . -2.19 10.05 -2.73
S DMS F . -15.33 18.53 7.68
O DMS F . -15.92 17.88 6.44
C1 DMS F . -16.24 17.84 9.02
C2 DMS F . -16.01 20.15 7.76
C TRS G . -27.39 10.19 17.66
C1 TRS G . -26.23 9.86 18.59
C2 TRS G . -27.40 9.32 16.40
C3 TRS G . -28.73 10.04 18.39
N TRS G . -27.21 11.61 17.21
O1 TRS G . -26.15 10.72 19.73
O2 TRS G . -27.70 7.96 16.68
O3 TRS G . -29.78 10.75 17.73
S DMS H . -14.45 -2.99 10.06
O DMS H . -13.54 -2.65 11.21
C1 DMS H . -14.33 -1.70 8.89
C2 DMS H . -16.12 -2.63 10.62
S DMS I . -10.57 20.11 12.94
O DMS I . -11.32 18.80 13.04
C1 DMS I . -10.12 20.27 11.22
C2 DMS I . -8.94 19.78 13.56
S DMS J . 3.05 16.10 24.24
O DMS J . 3.67 14.90 23.63
C1 DMS J . 4.30 17.38 24.05
C2 DMS J . 3.01 15.94 26.00
CL CL K . -14.24 20.60 12.69
CL CL L . -5.16 23.24 15.58
CL CL M . 2.98 18.37 8.02
C4 Q7X N . -6.25 28.57 15.20
C5 Q7X N . -9.70 27.95 15.99
C6 Q7X N . -10.26 28.80 16.94
C7 Q7X N . -11.59 29.16 16.84
C8 Q7X N . -12.38 28.69 15.80
C10 Q7X N . -10.48 27.45 14.94
N Q7X N . -8.33 27.58 16.00
C Q7X N . -8.59 24.68 13.62
O Q7X N . -7.24 29.04 17.32
C1 Q7X N . -8.62 26.10 14.13
C2 Q7X N . -8.16 26.19 15.57
C3 Q7X N . -7.29 28.42 16.26
C9 Q7X N . -11.81 27.84 14.87
F Q7X N . -12.55 27.40 13.84
O1 Q7X N . -10.00 26.57 13.99
S DMS O . 4.19 21.80 11.29
O DMS O . 2.70 21.79 10.91
C1 DMS O . 4.85 20.28 10.59
C2 DMS O . 5.00 22.92 10.16
S DMS P . -4.75 -1.18 -0.88
O DMS P . -3.88 -0.64 0.23
C1 DMS P . -4.62 -0.02 -2.23
C2 DMS P . -6.44 -0.80 -0.43
S DMS Q . 19.94 17.48 -3.17
O DMS Q . 20.77 17.28 -1.86
C1 DMS Q . 18.53 16.53 -2.91
C2 DMS Q . 20.71 16.44 -4.37
S DMS R . 17.21 22.41 -0.30
O DMS R . 16.41 22.71 0.93
C1 DMS R . 18.92 22.56 0.22
C2 DMS R . 17.12 23.93 -1.20
CL CL S . 22.04 12.61 -7.62
CL CL T . 21.36 21.08 -2.55
C4 Q7X U . 23.24 14.22 -11.84
C5 Q7X U . 23.54 17.94 -11.05
C6 Q7X U . 24.55 18.48 -11.85
C7 Q7X U . 24.75 19.85 -11.90
C8 Q7X U . 23.97 20.70 -11.13
C10 Q7X U . 22.77 18.79 -10.27
N Q7X U . 23.22 16.55 -11.04
C Q7X U . 20.75 16.73 -8.17
O Q7X U . 24.17 16.06 -13.04
C1 Q7X U . 22.04 17.06 -8.88
C2 Q7X U . 22.38 16.02 -9.94
C3 Q7X U . 23.58 15.67 -12.03
C9 Q7X U . 23.01 20.15 -10.33
F Q7X U . 22.28 20.95 -9.52
O1 Q7X U . 21.78 18.32 -9.48
CL CL V . 7.48 -18.57 9.27
CL CL W . 13.12 2.28 -3.26
S DMS X . 23.62 -24.61 -5.38
O DMS X . 23.52 -23.50 -6.43
C1 DMS X . 22.24 -24.41 -4.31
C2 DMS X . 24.88 -24.05 -4.24
C4 Q7X Y . 8.67 -15.29 10.76
C5 Q7X Y . 7.79 -13.07 13.69
C6 Q7X Y . 8.40 -11.83 13.47
C7 Q7X Y . 8.12 -10.76 14.30
C8 Q7X Y . 7.22 -10.89 15.34
C10 Q7X Y . 6.91 -13.22 14.77
N Q7X Y . 8.02 -14.17 12.85
C Q7X Y . 6.75 -16.79 15.25
O Q7X Y . 7.85 -13.06 10.89
C1 Q7X Y . 6.72 -15.61 14.31
C2 Q7X Y . 8.04 -15.42 13.61
C3 Q7X Y . 8.15 -14.09 11.49
C9 Q7X Y . 6.63 -12.11 15.55
F Q7X Y . 5.74 -12.26 16.57
O1 Q7X Y . 6.38 -14.44 15.14
S DMS Z . -18.76 -7.14 -14.35
O DMS Z . -19.03 -6.95 -12.88
C1 DMS Z . -20.30 -6.76 -15.16
C2 DMS Z . -18.83 -8.90 -14.59
C TRS AA . -5.57 -20.95 -21.56
C1 TRS AA . -4.11 -21.39 -21.54
C2 TRS AA . -5.88 -20.33 -22.92
C3 TRS AA . -6.52 -22.12 -21.29
N TRS AA . -5.74 -19.87 -20.50
O1 TRS AA . -3.24 -20.25 -21.60
O2 TRS AA . -7.18 -19.75 -22.97
O3 TRS AA . -6.18 -22.88 -20.13
S DMS BA . -31.90 -17.69 -2.44
O DMS BA . -31.71 -16.63 -3.51
C1 DMS BA . -30.84 -17.25 -1.08
C2 DMS BA . -31.11 -19.20 -2.96
S DMS CA . -14.68 -11.09 -9.66
O DMS CA . -15.06 -12.27 -8.77
C1 DMS CA . -15.96 -9.88 -9.53
C2 DMS CA . -14.90 -11.56 -11.36
S DMS DA . -22.58 -30.53 -16.93
O DMS DA . -23.44 -29.65 -17.82
C1 DMS DA . -22.64 -29.84 -15.31
C2 DMS DA . -20.89 -30.16 -17.33
CL CL EA . -23.02 -2.03 -15.74
CL CL FA . -15.32 -8.13 -13.83
#